data_1O1H
#
_entry.id   1O1H
#
_cell.length_a   85.334
_cell.length_b   93.070
_cell.length_c   98.795
_cell.angle_alpha   90.00
_cell.angle_beta   90.00
_cell.angle_gamma   90.00
#
_symmetry.space_group_name_H-M   'P 21 21 2'
#
loop_
_entity.id
_entity.type
_entity.pdbx_description
1 polymer 'Xylose isomerase'
2 non-polymer 'CALCIUM ION'
3 non-polymer 'MAGNESIUM ION'
4 non-polymer 'CHLORIDE ION'
5 non-polymer KRYPTON
6 non-polymer 2-AMINO-2-HYDROXYMETHYL-PROPANE-1,3-DIOL
7 non-polymer (4S)-2-METHYL-2,4-PENTANEDIOL
8 water water
#
_entity_poly.entity_id   1
_entity_poly.type   'polypeptide(L)'
_entity_poly.pdbx_seq_one_letter_code
;NYQPTPEDRFTFGLWTVGWQGRDPFGDATRRALDPVESVRRLAELGAHGVTFHDDDLIPFGSSDSEREEHVKRFRQALDD
TGMKVPMATTNLFTHPVFKDGGFTANDRDVRRYALRKTIRNIDLAVELGAETYVAWGGREGAESGGAKDVRDALDRMKEA
FDLLGEYVTSQGYDIRFAIEPKPNEPRGDILLPTVGHALAFIERLERPELYGVNPEVGHEQMAGLNFPHGIAQALWAGKL
FHIDLNGQNGIKYDQDLRFGAGDLRAAFWLVDLLESAGYSGPRHFDFKPPRTEDFDGVWASAAGCMRNYLILKERAAAFR
ADPEVQEALRASRLDELARPTAADGLQALLDDRSAFEEFDVDAAAARGMAFERLDQLAMDHLLGARG
;
_entity_poly.pdbx_strand_id   A,B
#
# COMPACT_ATOMS: atom_id res chain seq x y z
N ASN A 1 2.69 -27.72 -27.83
CA ASN A 1 2.68 -26.24 -27.91
C ASN A 1 2.98 -25.61 -26.57
N TYR A 2 3.41 -24.36 -26.56
CA TYR A 2 3.72 -23.62 -25.35
C TYR A 2 4.59 -24.40 -24.38
N GLN A 3 5.67 -24.99 -24.89
CA GLN A 3 6.61 -25.78 -24.10
C GLN A 3 7.66 -24.86 -23.50
N PRO A 4 7.76 -24.86 -22.19
CA PRO A 4 8.77 -24.05 -21.52
C PRO A 4 10.16 -24.60 -21.72
N THR A 5 11.12 -23.69 -21.80
CA THR A 5 12.53 -24.08 -21.89
C THR A 5 13.26 -23.19 -20.89
N PRO A 6 14.48 -23.56 -20.50
CA PRO A 6 15.25 -22.85 -19.51
C PRO A 6 15.46 -21.37 -19.74
N GLU A 7 15.54 -20.90 -20.98
CA GLU A 7 15.71 -19.48 -21.24
C GLU A 7 14.48 -18.65 -20.90
N ASP A 8 13.34 -19.28 -20.60
CA ASP A 8 12.17 -18.57 -20.12
C ASP A 8 12.36 -18.15 -18.68
N ARG A 9 13.36 -18.66 -17.95
CA ARG A 9 13.66 -18.25 -16.59
C ARG A 9 12.54 -18.56 -15.61
N PHE A 10 11.87 -19.69 -15.80
CA PHE A 10 10.83 -20.10 -14.86
C PHE A 10 11.47 -20.81 -13.67
N THR A 11 11.12 -20.36 -12.46
CA THR A 11 11.69 -20.96 -11.26
C THR A 11 10.58 -21.29 -10.29
N PHE A 12 10.87 -22.21 -9.36
CA PHE A 12 9.89 -22.70 -8.41
C PHE A 12 10.52 -22.87 -7.03
N GLY A 13 9.76 -22.54 -5.98
CA GLY A 13 10.27 -22.78 -4.64
C GLY A 13 10.22 -24.27 -4.35
N LEU A 14 11.17 -24.77 -3.55
CA LEU A 14 11.10 -26.18 -3.16
C LEU A 14 9.81 -26.47 -2.41
N TRP A 15 9.30 -25.50 -1.66
CA TRP A 15 8.11 -25.60 -0.85
C TRP A 15 6.82 -25.58 -1.65
N THR A 16 6.87 -25.31 -2.95
CA THR A 16 5.69 -25.22 -3.80
C THR A 16 5.24 -26.60 -4.22
N VAL A 17 5.98 -27.26 -5.13
CA VAL A 17 5.70 -28.64 -5.50
C VAL A 17 5.88 -29.56 -4.29
N GLY A 18 6.67 -29.17 -3.29
CA GLY A 18 6.86 -29.94 -2.09
C GLY A 18 5.79 -29.74 -1.03
N TRP A 19 4.79 -28.89 -1.27
CA TRP A 19 3.74 -28.67 -0.27
C TRP A 19 3.02 -29.98 0.02
N GLN A 20 3.01 -30.39 1.30
CA GLN A 20 2.35 -31.64 1.65
C GLN A 20 0.84 -31.52 1.78
N GLY A 21 0.27 -30.33 1.73
CA GLY A 21 -1.17 -30.18 1.78
C GLY A 21 -1.78 -29.88 3.13
N ARG A 22 -0.99 -29.55 4.14
CA ARG A 22 -1.58 -29.20 5.44
C ARG A 22 -2.14 -27.78 5.34
N ASP A 23 -3.44 -27.63 5.59
CA ASP A 23 -4.11 -26.31 5.47
C ASP A 23 -4.62 -26.04 6.87
N PRO A 24 -5.43 -24.87 6.85
N PRO A 24 -5.39 -24.87 6.92
CA PRO A 24 -5.93 -24.46 8.16
CA PRO A 24 -5.87 -24.54 8.28
C PRO A 24 -6.93 -25.36 8.85
C PRO A 24 -6.63 -25.67 8.97
N PHE A 25 -7.50 -26.36 8.18
N PHE A 25 -7.56 -26.27 8.25
CA PHE A 25 -8.44 -27.29 8.77
CA PHE A 25 -8.44 -27.29 8.78
C PHE A 25 -8.17 -28.70 8.31
N GLY A 26 -6.94 -29.04 7.94
CA GLY A 26 -6.68 -30.39 7.42
C GLY A 26 -5.25 -30.86 7.48
N ASP A 27 -5.07 -32.18 7.55
CA ASP A 27 -3.74 -32.78 7.60
C ASP A 27 -3.14 -32.95 6.21
N ALA A 28 -1.86 -33.29 6.17
CA ALA A 28 -1.18 -33.48 4.89
C ALA A 28 -1.84 -34.56 4.05
N THR A 29 -1.88 -34.35 2.74
CA THR A 29 -2.44 -35.32 1.80
C THR A 29 -1.35 -35.95 0.93
N ARG A 30 -0.13 -35.41 1.00
CA ARG A 30 0.98 -35.92 0.20
C ARG A 30 2.21 -36.12 1.07
N ARG A 31 3.04 -37.10 0.67
CA ARG A 31 4.28 -37.33 1.39
C ARG A 31 5.30 -36.23 1.09
N ALA A 32 6.30 -36.11 1.96
CA ALA A 32 7.34 -35.11 1.73
C ALA A 32 8.14 -35.48 0.49
N LEU A 33 8.57 -34.46 -0.25
CA LEU A 33 9.37 -34.64 -1.44
C LEU A 33 10.84 -34.39 -1.15
N ASP A 34 11.70 -35.22 -1.72
CA ASP A 34 13.15 -34.99 -1.58
C ASP A 34 13.49 -33.85 -2.53
N PRO A 35 14.18 -32.82 -2.06
CA PRO A 35 14.61 -31.71 -2.91
C PRO A 35 15.32 -32.15 -4.18
N VAL A 36 16.09 -33.24 -4.12
CA VAL A 36 16.77 -33.78 -5.30
C VAL A 36 15.75 -34.20 -6.35
N GLU A 37 14.66 -34.86 -5.94
CA GLU A 37 13.63 -35.24 -6.88
C GLU A 37 12.98 -34.00 -7.49
N SER A 38 12.71 -32.97 -6.69
CA SER A 38 12.11 -31.76 -7.22
C SER A 38 12.99 -31.06 -8.24
N VAL A 39 14.30 -31.00 -7.98
CA VAL A 39 15.22 -30.40 -8.95
C VAL A 39 15.16 -31.16 -10.27
N ARG A 40 15.20 -32.49 -10.20
CA ARG A 40 15.17 -33.30 -11.42
C ARG A 40 13.86 -33.24 -12.17
N ARG A 41 12.74 -33.31 -11.46
CA ARG A 41 11.43 -33.27 -12.10
C ARG A 41 11.12 -31.90 -12.68
N LEU A 42 11.58 -30.84 -12.00
CA LEU A 42 11.34 -29.50 -12.54
C LEU A 42 12.22 -29.24 -13.75
N ALA A 43 13.43 -29.80 -13.76
CA ALA A 43 14.31 -29.64 -14.91
C ALA A 43 13.68 -30.34 -16.10
N GLU A 44 13.09 -31.51 -15.89
CA GLU A 44 12.43 -32.25 -16.96
C GLU A 44 11.25 -31.50 -17.53
N LEU A 45 10.57 -30.68 -16.72
CA LEU A 45 9.45 -29.89 -17.17
C LEU A 45 9.86 -28.60 -17.86
N GLY A 46 11.15 -28.26 -17.89
CA GLY A 46 11.61 -27.06 -18.56
C GLY A 46 11.89 -25.88 -17.65
N ALA A 47 11.92 -26.10 -16.34
CA ALA A 47 12.22 -25.00 -15.42
C ALA A 47 13.67 -24.57 -15.58
N HIS A 48 13.95 -23.34 -15.19
CA HIS A 48 15.27 -22.74 -15.21
C HIS A 48 15.98 -22.98 -13.87
N GLY A 49 15.23 -22.99 -12.78
CA GLY A 49 15.84 -23.13 -11.47
C GLY A 49 14.83 -23.28 -10.34
N VAL A 50 15.37 -23.34 -9.14
CA VAL A 50 14.60 -23.51 -7.91
C VAL A 50 15.07 -22.49 -6.88
N THR A 51 14.21 -22.28 -5.89
CA THR A 51 14.48 -21.40 -4.77
C THR A 51 14.20 -22.16 -3.48
N PHE A 52 14.62 -21.64 -2.34
CA PHE A 52 14.39 -22.35 -1.09
C PHE A 52 14.42 -21.45 0.13
N HIS A 53 13.72 -21.90 1.16
CA HIS A 53 13.90 -21.35 2.49
C HIS A 53 15.01 -22.26 3.08
N ASP A 54 15.83 -21.73 3.98
CA ASP A 54 16.82 -22.56 4.67
C ASP A 54 16.23 -23.88 5.13
N ASP A 55 15.08 -23.85 5.80
CA ASP A 55 14.48 -25.04 6.39
C ASP A 55 13.84 -25.99 5.41
N ASP A 56 13.70 -25.62 4.14
CA ASP A 56 13.20 -26.52 3.11
C ASP A 56 14.33 -27.47 2.68
N LEU A 57 15.55 -26.98 2.73
CA LEU A 57 16.73 -27.73 2.29
C LEU A 57 17.42 -28.46 3.41
N ILE A 58 17.52 -27.80 4.56
CA ILE A 58 18.20 -28.32 5.74
C ILE A 58 17.21 -28.40 6.89
N PRO A 59 16.92 -29.61 7.36
CA PRO A 59 15.98 -29.79 8.46
C PRO A 59 16.34 -28.88 9.62
N PHE A 60 15.34 -28.18 10.16
CA PHE A 60 15.59 -27.30 11.30
C PHE A 60 16.33 -28.07 12.40
N GLY A 61 17.40 -27.50 12.93
CA GLY A 61 18.15 -28.12 14.01
C GLY A 61 19.27 -29.04 13.54
N SER A 62 19.62 -28.99 12.27
CA SER A 62 20.66 -29.85 11.73
C SER A 62 22.06 -29.44 12.20
N SER A 63 22.88 -30.45 12.49
CA SER A 63 24.26 -30.21 12.87
C SER A 63 25.04 -29.81 11.61
N ASP A 64 26.27 -29.33 11.76
CA ASP A 64 27.06 -28.96 10.59
C ASP A 64 27.23 -30.13 9.62
N SER A 65 27.46 -31.33 10.13
CA SER A 65 27.61 -32.52 9.31
C SER A 65 26.35 -32.84 8.51
N GLU A 66 25.19 -32.83 9.17
CA GLU A 66 23.91 -33.11 8.52
C GLU A 66 23.61 -32.05 7.47
N ARG A 67 23.89 -30.81 7.81
CA ARG A 67 23.73 -29.66 6.92
C ARG A 67 24.53 -29.88 5.64
N GLU A 68 25.81 -30.23 5.80
CA GLU A 68 26.66 -30.50 4.66
C GLU A 68 26.11 -31.61 3.78
N GLU A 69 25.60 -32.69 4.36
CA GLU A 69 25.06 -33.80 3.60
C GLU A 69 23.86 -33.37 2.76
N HIS A 70 22.95 -32.59 3.37
CA HIS A 70 21.77 -32.13 2.65
C HIS A 70 22.15 -31.18 1.52
N VAL A 71 23.09 -30.29 1.78
CA VAL A 71 23.51 -29.35 0.74
C VAL A 71 24.27 -30.05 -0.36
N LYS A 72 25.17 -30.97 -0.02
CA LYS A 72 25.95 -31.68 -1.03
C LYS A 72 25.06 -32.41 -2.02
N ARG A 73 24.06 -33.17 -1.55
CA ARG A 73 23.23 -33.91 -2.49
C ARG A 73 22.39 -32.97 -3.36
N PHE A 74 21.96 -31.85 -2.79
CA PHE A 74 21.20 -30.85 -3.55
C PHE A 74 22.10 -30.27 -4.64
N ARG A 75 23.33 -29.90 -4.28
CA ARG A 75 24.27 -29.36 -5.26
C ARG A 75 24.59 -30.37 -6.35
N GLN A 76 24.64 -31.66 -6.03
CA GLN A 76 24.87 -32.68 -7.06
C GLN A 76 23.75 -32.71 -8.08
N ALA A 77 22.52 -32.56 -7.62
CA ALA A 77 21.36 -32.50 -8.50
C ALA A 77 21.42 -31.25 -9.38
N LEU A 78 21.82 -30.12 -8.81
CA LEU A 78 21.98 -28.90 -9.59
C LEU A 78 23.10 -29.07 -10.62
N ASP A 79 24.20 -29.69 -10.23
CA ASP A 79 25.34 -29.90 -11.14
C ASP A 79 24.96 -30.85 -12.27
N ASP A 80 24.16 -31.86 -11.97
CA ASP A 80 23.72 -32.82 -12.96
C ASP A 80 22.75 -32.25 -13.98
N THR A 81 21.82 -31.36 -13.60
CA THR A 81 20.86 -30.84 -14.55
C THR A 81 21.17 -29.44 -15.04
N GLY A 82 22.04 -28.70 -14.36
CA GLY A 82 22.35 -27.34 -14.79
C GLY A 82 21.31 -26.34 -14.29
N MET A 83 20.50 -26.80 -13.33
CA MET A 83 19.47 -25.96 -12.72
C MET A 83 20.14 -24.90 -11.85
N LYS A 84 19.56 -23.70 -11.86
CA LYS A 84 20.11 -22.59 -11.11
C LYS A 84 19.33 -22.36 -9.83
N VAL A 85 19.89 -21.57 -8.93
CA VAL A 85 19.24 -21.17 -7.68
C VAL A 85 19.31 -19.65 -7.62
N PRO A 86 18.37 -18.94 -8.24
CA PRO A 86 18.47 -17.49 -8.34
C PRO A 86 18.05 -16.69 -7.11
N MET A 87 17.35 -17.34 -6.18
CA MET A 87 16.83 -16.66 -5.00
C MET A 87 16.73 -17.66 -3.86
N ALA A 88 16.93 -17.12 -2.66
CA ALA A 88 16.79 -17.90 -1.44
C ALA A 88 16.17 -16.98 -0.39
N THR A 89 15.67 -17.62 0.67
CA THR A 89 14.99 -16.87 1.73
C THR A 89 15.12 -17.63 3.04
N THR A 90 14.67 -17.01 4.13
CA THR A 90 14.76 -17.61 5.45
C THR A 90 13.37 -18.00 5.96
N ASN A 91 13.25 -19.12 6.65
CA ASN A 91 11.96 -19.43 7.26
C ASN A 91 11.97 -18.78 8.65
N LEU A 92 11.29 -17.64 8.75
CA LEU A 92 11.17 -16.93 10.03
C LEU A 92 9.70 -16.94 10.46
N PHE A 93 9.03 -18.06 10.17
CA PHE A 93 7.59 -18.13 10.47
C PHE A 93 7.11 -19.48 10.95
N THR A 94 7.74 -20.60 10.67
CA THR A 94 7.20 -21.90 11.09
C THR A 94 7.43 -22.26 12.54
N HIS A 95 8.66 -22.12 13.01
CA HIS A 95 8.99 -22.53 14.37
C HIS A 95 8.20 -21.69 15.36
N PRO A 96 7.70 -22.29 16.43
CA PRO A 96 6.96 -21.57 17.46
C PRO A 96 7.70 -20.39 18.06
N VAL A 97 9.03 -20.34 18.04
CA VAL A 97 9.77 -19.20 18.56
C VAL A 97 9.42 -17.93 17.81
N PHE A 98 9.03 -18.03 16.54
CA PHE A 98 8.67 -16.87 15.74
C PHE A 98 7.20 -16.53 15.80
N LYS A 99 6.48 -16.99 16.83
CA LYS A 99 5.05 -16.72 16.91
C LYS A 99 4.69 -15.24 16.95
N ASP A 100 5.55 -14.36 17.44
CA ASP A 100 5.29 -12.93 17.44
C ASP A 100 6.23 -12.21 16.48
N GLY A 101 6.86 -12.94 15.57
CA GLY A 101 7.76 -12.36 14.59
C GLY A 101 9.20 -12.84 14.74
N GLY A 102 9.99 -12.49 13.74
CA GLY A 102 11.43 -12.70 13.76
C GLY A 102 12.06 -11.33 14.03
N PHE A 103 12.23 -10.51 12.98
CA PHE A 103 12.87 -9.23 13.13
C PHE A 103 12.14 -8.25 14.02
N THR A 104 10.82 -8.40 14.19
CA THR A 104 10.05 -7.48 15.00
C THR A 104 9.36 -8.17 16.18
N ALA A 105 9.85 -9.35 16.57
CA ALA A 105 9.34 -10.00 17.78
C ALA A 105 9.45 -9.04 18.95
N ASN A 106 8.49 -9.05 19.88
CA ASN A 106 8.67 -8.19 21.05
C ASN A 106 9.89 -8.62 21.88
N ASP A 107 10.17 -9.92 21.93
CA ASP A 107 11.34 -10.40 22.66
C ASP A 107 12.61 -10.10 21.89
N ARG A 108 13.51 -9.34 22.50
CA ARG A 108 14.77 -8.98 21.85
C ARG A 108 15.63 -10.19 21.53
N ASP A 109 15.65 -11.21 22.38
CA ASP A 109 16.47 -12.38 22.11
C ASP A 109 16.02 -13.10 20.83
N VAL A 110 14.71 -13.12 20.55
CA VAL A 110 14.19 -13.71 19.33
C VAL A 110 14.61 -12.90 18.12
N ARG A 111 14.60 -11.56 18.23
CA ARG A 111 15.04 -10.74 17.11
C ARG A 111 16.50 -11.01 16.75
N ARG A 112 17.35 -11.16 17.78
CA ARG A 112 18.77 -11.44 17.52
C ARG A 112 18.94 -12.80 16.84
N TYR A 113 18.20 -13.80 17.31
CA TYR A 113 18.23 -15.14 16.72
C TYR A 113 17.75 -15.09 15.27
N ALA A 114 16.65 -14.36 15.00
CA ALA A 114 16.17 -14.26 13.62
C ALA A 114 17.27 -13.72 12.71
N LEU A 115 18.02 -12.70 13.14
CA LEU A 115 19.11 -12.18 12.31
C LEU A 115 20.21 -13.22 12.12
N ARG A 116 20.58 -13.95 13.18
CA ARG A 116 21.63 -14.96 12.99
C ARG A 116 21.18 -16.07 12.06
N LYS A 117 19.93 -16.50 12.13
CA LYS A 117 19.41 -17.53 11.25
C LYS A 117 19.45 -17.05 9.82
N THR A 118 19.07 -15.80 9.58
CA THR A 118 19.08 -15.19 8.25
C THR A 118 20.50 -15.11 7.70
N ILE A 119 21.44 -14.61 8.49
CA ILE A 119 22.82 -14.45 8.02
C ILE A 119 23.45 -15.77 7.61
N ARG A 120 23.21 -16.83 8.36
CA ARG A 120 23.73 -18.15 7.99
C ARG A 120 23.23 -18.54 6.61
N ASN A 121 21.94 -18.30 6.33
CA ASN A 121 21.40 -18.68 5.03
C ASN A 121 21.80 -17.74 3.92
N ILE A 122 22.11 -16.47 4.19
CA ILE A 122 22.64 -15.57 3.17
C ILE A 122 23.95 -16.16 2.65
N ASP A 123 24.81 -16.65 3.55
CA ASP A 123 26.07 -17.25 3.12
C ASP A 123 25.81 -18.42 2.17
N LEU A 124 24.86 -19.29 2.52
CA LEU A 124 24.56 -20.44 1.67
C LEU A 124 23.97 -19.99 0.35
N ALA A 125 23.07 -19.00 0.36
CA ALA A 125 22.48 -18.49 -0.86
C ALA A 125 23.56 -17.97 -1.80
N VAL A 126 24.53 -17.24 -1.26
CA VAL A 126 25.65 -16.73 -2.06
C VAL A 126 26.45 -17.87 -2.65
N GLU A 127 26.73 -18.91 -1.87
CA GLU A 127 27.46 -20.06 -2.38
C GLU A 127 26.73 -20.71 -3.55
N LEU A 128 25.41 -20.78 -3.50
CA LEU A 128 24.60 -21.40 -4.53
C LEU A 128 24.30 -20.49 -5.71
N GLY A 129 24.72 -19.23 -5.70
CA GLY A 129 24.54 -18.36 -6.83
C GLY A 129 23.29 -17.50 -6.81
N ALA A 130 22.64 -17.36 -5.66
CA ALA A 130 21.44 -16.52 -5.65
C ALA A 130 21.79 -15.05 -5.89
N GLU A 131 20.98 -14.38 -6.69
CA GLU A 131 21.15 -12.95 -6.94
C GLU A 131 20.26 -12.13 -6.00
N THR A 132 19.19 -12.76 -5.49
CA THR A 132 18.24 -12.06 -4.64
C THR A 132 17.97 -12.88 -3.38
N TYR A 133 17.88 -12.17 -2.26
CA TYR A 133 17.58 -12.77 -0.97
C TYR A 133 16.25 -12.18 -0.51
N VAL A 134 15.21 -13.00 -0.48
CA VAL A 134 13.87 -12.50 -0.15
C VAL A 134 13.62 -12.53 1.35
N ALA A 135 12.83 -11.55 1.79
CA ALA A 135 12.33 -11.52 3.15
C ALA A 135 10.80 -11.39 3.11
N TRP A 136 10.12 -12.40 3.64
CA TRP A 136 8.67 -12.35 3.78
C TRP A 136 8.43 -12.35 5.30
N GLY A 137 8.06 -11.21 5.84
CA GLY A 137 7.86 -11.11 7.30
C GLY A 137 6.44 -11.53 7.66
N GLY A 138 6.13 -12.81 7.47
CA GLY A 138 4.78 -13.32 7.70
C GLY A 138 4.32 -13.28 9.14
N ARG A 139 5.24 -13.29 10.10
CA ARG A 139 4.84 -13.23 11.50
C ARG A 139 5.00 -11.81 12.06
N GLU A 140 5.37 -10.84 11.26
CA GLU A 140 5.56 -9.47 11.75
C GLU A 140 4.20 -8.76 11.73
N GLY A 141 3.67 -8.45 12.91
CA GLY A 141 2.36 -7.81 12.93
C GLY A 141 1.62 -8.12 14.21
N ALA A 142 0.30 -8.25 14.13
CA ALA A 142 -0.48 -8.42 15.34
C ALA A 142 -1.89 -8.87 15.02
N GLU A 143 -2.55 -9.38 16.07
CA GLU A 143 -3.97 -9.70 16.00
C GLU A 143 -4.74 -8.62 16.76
N SER A 144 -4.10 -7.91 17.68
CA SER A 144 -4.76 -6.92 18.54
C SER A 144 -3.93 -5.65 18.58
N GLY A 145 -4.59 -4.51 18.83
CA GLY A 145 -3.97 -3.21 18.67
C GLY A 145 -2.86 -2.86 19.63
N GLY A 146 -2.92 -3.34 20.87
CA GLY A 146 -1.91 -3.00 21.85
C GLY A 146 -0.68 -3.87 21.83
N ALA A 147 -0.73 -4.99 21.11
CA ALA A 147 0.34 -5.97 21.10
C ALA A 147 1.62 -5.53 20.41
N LYS A 148 1.48 -4.61 19.47
CA LYS A 148 2.63 -4.21 18.65
C LYS A 148 2.64 -2.71 18.47
N ASP A 149 3.66 -2.06 19.01
CA ASP A 149 3.83 -0.62 18.76
C ASP A 149 4.50 -0.56 17.39
N VAL A 150 3.74 -0.12 16.40
CA VAL A 150 4.22 -0.19 15.02
C VAL A 150 5.41 0.70 14.74
N ARG A 151 5.48 1.88 15.34
CA ARG A 151 6.66 2.71 15.13
C ARG A 151 7.90 2.00 15.66
N ASP A 152 7.84 1.41 16.87
CA ASP A 152 8.99 0.67 17.38
C ASP A 152 9.28 -0.53 16.49
N ALA A 153 8.23 -1.23 16.04
CA ALA A 153 8.44 -2.38 15.18
C ALA A 153 9.14 -2.00 13.89
N LEU A 154 8.77 -0.85 13.31
CA LEU A 154 9.44 -0.39 12.10
C LEU A 154 10.89 0.01 12.39
N ASP A 155 11.18 0.56 13.57
CA ASP A 155 12.57 0.83 13.94
C ASP A 155 13.33 -0.49 13.99
N ARG A 156 12.73 -1.53 14.57
CA ARG A 156 13.37 -2.84 14.63
C ARG A 156 13.53 -3.47 13.26
N MET A 157 12.52 -3.28 12.38
CA MET A 157 12.62 -3.83 11.02
C MET A 157 13.72 -3.13 10.26
N LYS A 158 13.80 -1.80 10.38
CA LYS A 158 14.88 -1.07 9.72
C LYS A 158 16.23 -1.50 10.25
N GLU A 159 16.37 -1.62 11.57
CA GLU A 159 17.62 -2.06 12.17
C GLU A 159 18.05 -3.40 11.62
N ALA A 160 17.14 -4.37 11.52
CA ALA A 160 17.46 -5.68 11.00
C ALA A 160 17.94 -5.59 9.57
N PHE A 161 17.18 -4.92 8.69
CA PHE A 161 17.59 -4.80 7.29
C PHE A 161 18.90 -4.03 7.17
N ASP A 162 19.13 -3.02 8.01
CA ASP A 162 20.40 -2.29 7.96
C ASP A 162 21.56 -3.18 8.35
N LEU A 163 21.39 -4.02 9.35
CA LEU A 163 22.44 -4.97 9.75
C LEU A 163 22.73 -5.95 8.64
N LEU A 164 21.69 -6.42 7.95
CA LEU A 164 21.88 -7.36 6.84
C LEU A 164 22.61 -6.69 5.68
N GLY A 165 22.33 -5.42 5.43
CA GLY A 165 23.02 -4.67 4.38
C GLY A 165 24.48 -4.46 4.78
N GLU A 166 24.74 -4.19 6.06
CA GLU A 166 26.11 -4.05 6.52
C GLU A 166 26.83 -5.38 6.34
N TYR A 167 26.17 -6.49 6.65
CA TYR A 167 26.77 -7.80 6.49
C TYR A 167 27.14 -8.09 5.05
N VAL A 168 26.21 -7.95 4.10
CA VAL A 168 26.54 -8.27 2.71
C VAL A 168 27.61 -7.32 2.18
N THR A 169 27.59 -6.06 2.57
CA THR A 169 28.61 -5.11 2.13
C THR A 169 29.97 -5.48 2.70
N SER A 170 30.04 -5.84 3.98
CA SER A 170 31.31 -6.20 4.60
C SER A 170 31.91 -7.45 4.00
N GLN A 171 31.09 -8.39 3.52
CA GLN A 171 31.56 -9.62 2.92
C GLN A 171 31.85 -9.48 1.43
N GLY A 172 31.48 -8.37 0.82
CA GLY A 172 31.70 -8.17 -0.61
C GLY A 172 30.72 -8.98 -1.46
N TYR A 173 29.55 -9.30 -0.92
CA TYR A 173 28.57 -10.06 -1.68
C TYR A 173 27.80 -9.14 -2.62
N ASP A 174 27.45 -9.63 -3.81
CA ASP A 174 26.67 -8.83 -4.76
C ASP A 174 25.17 -9.07 -4.64
N ILE A 175 24.79 -9.97 -3.75
CA ILE A 175 23.37 -10.29 -3.57
C ILE A 175 22.58 -9.07 -3.09
N ARG A 176 21.33 -8.96 -3.53
CA ARG A 176 20.47 -7.86 -3.12
C ARG A 176 19.24 -8.45 -2.40
N PHE A 177 18.56 -7.62 -1.61
CA PHE A 177 17.41 -8.04 -0.85
C PHE A 177 16.10 -7.64 -1.52
N ALA A 178 15.08 -8.47 -1.33
CA ALA A 178 13.76 -8.14 -1.86
C ALA A 178 12.73 -8.42 -0.77
N ILE A 179 11.98 -7.40 -0.39
CA ILE A 179 10.93 -7.58 0.60
C ILE A 179 9.65 -8.02 -0.10
N GLU A 180 9.06 -9.10 0.37
CA GLU A 180 7.82 -9.62 -0.19
C GLU A 180 6.65 -9.26 0.70
N PRO A 181 5.81 -8.33 0.24
CA PRO A 181 4.66 -7.93 1.04
C PRO A 181 3.53 -8.94 1.06
N LYS A 182 2.77 -8.87 2.15
CA LYS A 182 1.52 -9.65 2.30
C LYS A 182 0.68 -8.87 3.31
N PRO A 183 -0.61 -8.68 3.10
CA PRO A 183 -1.36 -7.80 4.00
C PRO A 183 -1.80 -8.43 5.32
N ASN A 184 -2.02 -9.75 5.31
CA ASN A 184 -2.45 -10.48 6.48
C ASN A 184 -2.22 -11.96 6.19
N GLU A 185 -2.27 -12.79 7.21
CA GLU A 185 -2.16 -14.23 7.13
C GLU A 185 -0.80 -14.85 7.12
N PRO A 186 -0.20 -15.10 8.25
CA PRO A 186 -0.78 -15.70 9.41
C PRO A 186 -1.18 -14.68 10.47
N ARG A 187 -0.59 -13.49 10.46
CA ARG A 187 -0.98 -12.49 11.47
C ARG A 187 -2.27 -11.80 11.04
N GLY A 188 -3.00 -11.25 12.01
CA GLY A 188 -4.23 -10.51 11.73
C GLY A 188 -3.98 -9.40 10.72
N ASP A 189 -2.89 -8.66 10.92
CA ASP A 189 -2.39 -7.66 10.01
C ASP A 189 -0.87 -7.80 10.00
N ILE A 190 -0.27 -7.81 8.83
CA ILE A 190 1.17 -7.93 8.68
C ILE A 190 1.75 -6.56 8.37
N LEU A 191 2.92 -6.28 8.95
CA LEU A 191 3.61 -5.01 8.68
C LEU A 191 4.13 -4.96 7.25
N LEU A 192 4.21 -3.77 6.69
CA LEU A 192 4.59 -3.58 5.27
C LEU A 192 3.65 -4.40 4.40
N PRO A 193 2.35 -4.11 4.46
CA PRO A 193 1.33 -4.97 3.88
C PRO A 193 1.21 -5.04 2.39
N THR A 194 1.75 -4.06 1.67
CA THR A 194 1.61 -3.99 0.23
C THR A 194 2.92 -3.54 -0.40
N VAL A 195 2.97 -3.63 -1.73
CA VAL A 195 4.14 -3.16 -2.47
C VAL A 195 4.47 -1.73 -2.09
N GLY A 196 3.44 -0.88 -1.99
CA GLY A 196 3.71 0.50 -1.63
C GLY A 196 4.43 0.60 -0.30
N HIS A 197 3.89 0.00 0.75
CA HIS A 197 4.46 0.12 2.08
C HIS A 197 5.91 -0.37 2.09
N ALA A 198 6.22 -1.46 1.38
CA ALA A 198 7.58 -1.95 1.31
C ALA A 198 8.48 -0.97 0.56
N LEU A 199 8.02 -0.43 -0.57
CA LEU A 199 8.83 0.56 -1.30
C LEU A 199 9.14 1.76 -0.44
N ALA A 200 8.15 2.24 0.32
CA ALA A 200 8.34 3.41 1.16
C ALA A 200 9.36 3.15 2.26
N PHE A 201 9.22 1.99 2.91
CA PHE A 201 10.11 1.58 3.99
C PHE A 201 11.55 1.51 3.53
N ILE A 202 11.77 0.97 2.33
CA ILE A 202 13.13 0.85 1.78
C ILE A 202 13.84 2.19 1.70
N GLU A 203 13.10 3.26 1.42
CA GLU A 203 13.71 4.58 1.35
C GLU A 203 14.20 5.12 2.68
N ARG A 204 13.89 4.48 3.80
CA ARG A 204 14.37 4.86 5.10
C ARG A 204 15.57 4.00 5.51
N LEU A 205 15.98 3.05 4.69
CA LEU A 205 17.12 2.20 5.04
C LEU A 205 18.43 2.94 4.79
N GLU A 206 19.50 2.50 5.46
CA GLU A 206 20.79 3.20 5.28
C GLU A 206 21.36 3.07 3.89
N ARG A 207 21.16 1.94 3.21
CA ARG A 207 21.65 1.70 1.86
C ARG A 207 20.47 1.27 1.00
N PRO A 208 19.59 2.17 0.62
CA PRO A 208 18.37 1.83 -0.11
C PRO A 208 18.57 1.09 -1.41
N GLU A 209 19.70 1.31 -2.08
CA GLU A 209 20.00 0.66 -3.34
C GLU A 209 20.11 -0.85 -3.23
N LEU A 210 20.34 -1.41 -2.04
CA LEU A 210 20.46 -2.85 -1.88
C LEU A 210 19.12 -3.57 -1.76
N TYR A 211 18.02 -2.82 -1.67
CA TYR A 211 16.72 -3.41 -1.40
C TYR A 211 15.65 -3.06 -2.43
N GLY A 212 14.88 -4.08 -2.77
CA GLY A 212 13.77 -3.92 -3.71
C GLY A 212 12.59 -4.75 -3.18
N VAL A 213 11.64 -5.00 -4.08
CA VAL A 213 10.48 -5.79 -3.68
C VAL A 213 10.42 -7.10 -4.48
N ASN A 214 9.72 -8.06 -3.88
CA ASN A 214 9.36 -9.34 -4.49
C ASN A 214 7.85 -9.45 -4.37
N PRO A 215 7.09 -8.74 -5.20
CA PRO A 215 5.64 -8.73 -5.10
C PRO A 215 5.06 -10.08 -5.50
N GLU A 216 3.99 -10.51 -4.84
CA GLU A 216 3.32 -11.75 -5.15
C GLU A 216 1.90 -11.45 -5.62
N VAL A 217 1.52 -12.00 -6.77
CA VAL A 217 0.22 -11.74 -7.35
C VAL A 217 -0.91 -11.82 -6.32
N GLY A 218 -0.99 -12.96 -5.63
CA GLY A 218 -2.07 -13.20 -4.70
C GLY A 218 -2.07 -12.26 -3.51
N HIS A 219 -0.89 -11.83 -3.05
CA HIS A 219 -0.83 -10.98 -1.86
C HIS A 219 -1.43 -9.62 -2.10
N GLU A 220 -1.07 -8.96 -3.21
CA GLU A 220 -1.67 -7.66 -3.48
C GLU A 220 -3.18 -7.82 -3.69
N GLN A 221 -3.60 -8.93 -4.29
CA GLN A 221 -5.02 -9.19 -4.52
C GLN A 221 -5.74 -9.50 -3.22
N MET A 222 -5.07 -9.92 -2.16
CA MET A 222 -5.69 -10.08 -0.84
C MET A 222 -6.08 -8.74 -0.24
N ALA A 223 -5.57 -7.63 -0.76
CA ALA A 223 -5.97 -6.29 -0.35
C ALA A 223 -6.88 -5.68 -1.42
N GLY A 224 -7.27 -6.49 -2.41
CA GLY A 224 -8.12 -6.01 -3.50
C GLY A 224 -7.41 -5.04 -4.41
N LEU A 225 -6.07 -5.03 -4.45
CA LEU A 225 -5.34 -4.09 -5.28
C LEU A 225 -5.10 -4.66 -6.67
N ASN A 226 -4.73 -3.75 -7.57
CA ASN A 226 -4.42 -4.13 -8.95
C ASN A 226 -2.96 -4.49 -9.03
N PHE A 227 -2.69 -5.77 -9.28
CA PHE A 227 -1.31 -6.25 -9.31
C PHE A 227 -0.49 -5.63 -10.42
N PRO A 228 -0.96 -5.59 -11.65
CA PRO A 228 -0.21 -4.91 -12.72
C PRO A 228 0.09 -3.48 -12.34
N HIS A 229 -0.81 -2.73 -11.72
CA HIS A 229 -0.50 -1.34 -11.32
C HIS A 229 0.64 -1.30 -10.32
N GLY A 230 0.61 -2.18 -9.31
CA GLY A 230 1.66 -2.23 -8.30
C GLY A 230 3.01 -2.58 -8.91
N ILE A 231 3.00 -3.55 -9.84
CA ILE A 231 4.22 -3.91 -10.56
C ILE A 231 4.71 -2.72 -11.37
N ALA A 232 3.82 -1.95 -12.00
CA ALA A 232 4.26 -0.77 -12.73
C ALA A 232 4.91 0.23 -11.77
N GLN A 233 4.37 0.42 -10.58
CA GLN A 233 5.01 1.33 -9.63
C GLN A 233 6.37 0.80 -9.21
N ALA A 234 6.51 -0.51 -8.96
CA ALA A 234 7.81 -1.07 -8.60
C ALA A 234 8.80 -0.91 -9.74
N LEU A 235 8.39 -1.13 -10.98
CA LEU A 235 9.29 -0.91 -12.12
C LEU A 235 9.68 0.54 -12.25
N TRP A 236 8.71 1.43 -12.06
CA TRP A 236 8.95 2.87 -12.13
C TRP A 236 9.98 3.29 -11.10
N ALA A 237 10.00 2.69 -9.93
CA ALA A 237 10.94 2.97 -8.87
C ALA A 237 12.28 2.26 -9.05
N GLY A 238 12.41 1.36 -10.02
CA GLY A 238 13.63 0.60 -10.26
C GLY A 238 13.83 -0.48 -9.20
N LYS A 239 12.72 -1.00 -8.66
CA LYS A 239 12.77 -1.91 -7.53
C LYS A 239 12.17 -3.28 -7.77
N LEU A 240 11.86 -3.66 -9.00
CA LEU A 240 11.31 -5.00 -9.22
C LEU A 240 12.47 -5.97 -9.34
N PHE A 241 12.96 -6.43 -8.18
CA PHE A 241 14.13 -7.30 -8.18
C PHE A 241 13.78 -8.75 -8.48
N HIS A 242 12.54 -9.12 -8.19
CA HIS A 242 12.07 -10.50 -8.35
C HIS A 242 10.55 -10.43 -8.33
N ILE A 243 9.89 -11.52 -8.65
CA ILE A 243 8.42 -11.53 -8.61
C ILE A 243 7.93 -12.94 -8.33
N ASP A 244 6.82 -13.04 -7.61
CA ASP A 244 6.20 -14.31 -7.28
C ASP A 244 4.85 -14.35 -8.02
N LEU A 245 4.74 -15.38 -8.85
CA LEU A 245 3.58 -15.58 -9.70
C LEU A 245 2.70 -16.72 -9.21
N ASN A 246 1.40 -16.46 -9.19
CA ASN A 246 0.40 -17.44 -8.77
C ASN A 246 -0.98 -16.87 -9.08
N GLY A 247 -2.01 -17.54 -8.57
CA GLY A 247 -3.38 -17.10 -8.78
C GLY A 247 -4.08 -16.97 -7.43
N GLN A 248 -5.08 -16.08 -7.42
CA GLN A 248 -5.85 -15.80 -6.22
C GLN A 248 -7.25 -15.39 -6.66
N ASN A 249 -8.27 -15.95 -6.02
CA ASN A 249 -9.64 -15.58 -6.39
C ASN A 249 -10.19 -14.61 -5.36
N GLY A 250 -9.87 -13.33 -5.49
CA GLY A 250 -10.39 -12.30 -4.64
C GLY A 250 -9.77 -12.13 -3.27
N ILE A 251 -10.59 -11.55 -2.40
CA ILE A 251 -10.20 -11.23 -1.02
C ILE A 251 -10.58 -12.35 -0.08
N LYS A 252 -9.59 -13.14 0.33
CA LYS A 252 -9.75 -14.30 1.18
C LYS A 252 -8.37 -14.81 1.59
N TYR A 253 -8.33 -15.98 2.21
CA TYR A 253 -7.07 -16.63 2.58
C TYR A 253 -6.17 -16.73 1.35
N ASP A 254 -4.86 -16.78 1.59
CA ASP A 254 -3.86 -16.86 0.51
C ASP A 254 -3.96 -18.21 -0.19
N GLN A 255 -4.53 -18.24 -1.38
CA GLN A 255 -4.71 -19.48 -2.11
C GLN A 255 -3.46 -20.05 -2.75
N ASP A 256 -2.60 -19.20 -3.31
CA ASP A 256 -1.42 -19.69 -4.02
C ASP A 256 -1.79 -20.67 -5.13
N LEU A 257 -2.82 -20.36 -5.91
CA LEU A 257 -3.19 -21.22 -7.05
C LEU A 257 -2.11 -21.12 -8.11
N ARG A 258 -2.13 -22.09 -9.03
CA ARG A 258 -1.17 -22.03 -10.12
C ARG A 258 -1.36 -20.73 -10.92
N PHE A 259 -0.27 -20.21 -11.47
CA PHE A 259 -0.35 -18.98 -12.25
C PHE A 259 -1.29 -19.16 -13.45
N GLY A 260 -2.10 -18.13 -13.66
CA GLY A 260 -3.09 -18.16 -14.74
C GLY A 260 -4.48 -18.32 -14.13
N ALA A 261 -4.56 -19.14 -13.11
CA ALA A 261 -5.80 -19.33 -12.36
C ALA A 261 -6.05 -18.06 -11.53
N GLY A 262 -7.28 -17.97 -11.03
CA GLY A 262 -7.70 -16.78 -10.28
C GLY A 262 -8.07 -15.73 -11.32
N ASP A 263 -7.50 -14.54 -11.15
CA ASP A 263 -7.78 -13.39 -11.99
C ASP A 263 -6.99 -13.47 -13.29
N LEU A 264 -7.60 -14.12 -14.28
CA LEU A 264 -6.99 -14.34 -15.58
C LEU A 264 -6.66 -13.07 -16.33
N ARG A 265 -7.59 -12.11 -16.35
CA ARG A 265 -7.33 -10.86 -17.04
C ARG A 265 -6.16 -10.12 -16.43
N ALA A 266 -6.07 -10.11 -15.09
CA ALA A 266 -4.93 -9.46 -14.44
C ALA A 266 -3.64 -10.18 -14.80
N ALA A 267 -3.68 -11.50 -14.96
CA ALA A 267 -2.49 -12.26 -15.36
C ALA A 267 -2.06 -11.83 -16.76
N PHE A 268 -3.02 -11.64 -17.67
CA PHE A 268 -2.71 -11.15 -19.00
C PHE A 268 -2.05 -9.79 -18.93
N TRP A 269 -2.63 -8.82 -18.20
CA TRP A 269 -2.03 -7.48 -18.14
C TRP A 269 -0.68 -7.51 -17.44
N LEU A 270 -0.49 -8.39 -16.48
CA LEU A 270 0.80 -8.53 -15.82
C LEU A 270 1.85 -9.01 -16.82
N VAL A 271 1.56 -10.08 -17.57
CA VAL A 271 2.56 -10.58 -18.53
C VAL A 271 2.83 -9.53 -19.58
N ASP A 272 1.80 -8.86 -20.09
CA ASP A 272 1.99 -7.77 -21.04
C ASP A 272 2.97 -6.75 -20.51
N LEU A 273 2.82 -6.33 -19.25
CA LEU A 273 3.71 -5.34 -18.66
C LEU A 273 5.12 -5.86 -18.47
N LEU A 274 5.29 -7.07 -17.92
CA LEU A 274 6.63 -7.61 -17.71
C LEU A 274 7.40 -7.72 -19.01
N GLU A 275 6.75 -8.22 -20.06
CA GLU A 275 7.40 -8.37 -21.36
C GLU A 275 7.66 -7.04 -22.02
N SER A 276 6.71 -6.11 -21.98
CA SER A 276 6.91 -4.81 -22.60
C SER A 276 7.97 -3.99 -21.88
N ALA A 277 8.08 -4.08 -20.56
CA ALA A 277 9.08 -3.38 -19.80
C ALA A 277 10.45 -4.04 -19.89
N GLY A 278 10.53 -5.29 -20.36
CA GLY A 278 11.81 -5.97 -20.45
C GLY A 278 12.29 -6.50 -19.11
N TYR A 279 11.37 -6.86 -18.21
CA TYR A 279 11.78 -7.46 -16.94
C TYR A 279 12.66 -8.65 -17.26
N SER A 280 13.84 -8.75 -16.64
CA SER A 280 14.75 -9.83 -16.97
C SER A 280 15.00 -10.79 -15.83
N GLY A 281 14.30 -10.61 -14.70
CA GLY A 281 14.51 -11.49 -13.56
C GLY A 281 13.76 -12.80 -13.73
N PRO A 282 13.86 -13.64 -12.71
CA PRO A 282 13.14 -14.90 -12.70
C PRO A 282 11.63 -14.73 -12.73
N ARG A 283 11.00 -15.67 -13.42
CA ARG A 283 9.54 -15.79 -13.43
C ARG A 283 9.28 -16.91 -12.42
N HIS A 284 9.22 -16.51 -11.17
CA HIS A 284 9.14 -17.45 -10.06
C HIS A 284 7.73 -17.76 -9.65
N PHE A 285 7.42 -19.04 -9.51
CA PHE A 285 6.09 -19.46 -9.10
C PHE A 285 6.08 -19.81 -7.63
N ASP A 286 5.23 -19.12 -6.88
CA ASP A 286 5.01 -19.42 -5.47
C ASP A 286 3.56 -19.93 -5.40
N PHE A 287 3.42 -21.22 -5.65
CA PHE A 287 2.07 -21.79 -5.73
C PHE A 287 2.01 -23.07 -4.93
N LYS A 288 0.79 -23.50 -4.64
CA LYS A 288 0.53 -24.74 -3.93
C LYS A 288 -0.40 -25.61 -4.77
N PRO A 289 0.09 -26.75 -5.24
CA PRO A 289 -0.80 -27.67 -5.94
C PRO A 289 -1.88 -28.02 -4.92
N PRO A 290 -3.14 -27.83 -5.25
CA PRO A 290 -4.22 -28.09 -4.29
C PRO A 290 -4.05 -29.44 -3.64
N ARG A 291 -4.47 -29.54 -2.38
CA ARG A 291 -4.28 -30.79 -1.62
C ARG A 291 -5.18 -31.91 -2.11
N THR A 292 -6.11 -31.63 -3.01
CA THR A 292 -6.90 -32.64 -3.70
C THR A 292 -6.03 -33.50 -4.62
N GLU A 293 -4.86 -33.00 -5.03
CA GLU A 293 -4.02 -33.66 -5.99
C GLU A 293 -2.99 -34.62 -5.43
N ASP A 294 -2.73 -35.65 -6.24
CA ASP A 294 -1.65 -36.59 -5.92
C ASP A 294 -0.39 -36.06 -6.61
N PHE A 295 0.72 -36.81 -6.62
CA PHE A 295 1.95 -36.31 -7.25
C PHE A 295 1.83 -36.05 -8.73
N ASP A 296 1.03 -36.81 -9.50
CA ASP A 296 0.85 -36.48 -10.91
C ASP A 296 0.22 -35.09 -11.04
N GLY A 297 -0.75 -34.77 -10.18
CA GLY A 297 -1.40 -33.47 -10.19
C GLY A 297 -0.42 -32.35 -9.80
N VAL A 298 0.51 -32.65 -8.90
CA VAL A 298 1.55 -31.68 -8.54
C VAL A 298 2.34 -31.25 -9.77
N TRP A 299 2.85 -32.19 -10.57
CA TRP A 299 3.63 -31.85 -11.75
C TRP A 299 2.77 -31.24 -12.85
N ALA A 300 1.52 -31.65 -12.98
CA ALA A 300 0.59 -31.07 -13.94
C ALA A 300 0.21 -29.63 -13.60
N SER A 301 0.25 -29.28 -12.31
CA SER A 301 -0.05 -27.92 -11.87
C SER A 301 1.19 -27.05 -12.07
N ALA A 302 2.38 -27.61 -11.78
CA ALA A 302 3.62 -26.88 -12.01
C ALA A 302 3.78 -26.59 -13.50
N ALA A 303 3.53 -27.60 -14.35
CA ALA A 303 3.61 -27.40 -15.79
C ALA A 303 2.60 -26.36 -16.24
N GLY A 304 1.41 -26.33 -15.65
CA GLY A 304 0.39 -25.35 -15.98
C GLY A 304 0.81 -23.92 -15.70
N CYS A 305 1.56 -23.71 -14.61
CA CYS A 305 2.09 -22.39 -14.30
C CYS A 305 2.83 -21.80 -15.49
N MET A 306 3.80 -22.57 -16.00
CA MET A 306 4.65 -22.16 -17.10
C MET A 306 3.86 -22.02 -18.41
N ARG A 307 3.00 -23.01 -18.65
CA ARG A 307 2.16 -22.98 -19.85
C ARG A 307 1.30 -21.73 -19.91
N ASN A 308 0.64 -21.37 -18.81
CA ASN A 308 -0.19 -20.16 -18.81
C ASN A 308 0.64 -18.92 -19.03
N TYR A 309 1.84 -18.83 -18.45
CA TYR A 309 2.68 -17.66 -18.72
C TYR A 309 2.95 -17.55 -20.22
N LEU A 310 3.37 -18.68 -20.82
CA LEU A 310 3.66 -18.67 -22.27
C LEU A 310 2.46 -18.38 -23.15
N ILE A 311 1.26 -18.87 -22.83
CA ILE A 311 0.10 -18.55 -23.65
C ILE A 311 -0.18 -17.06 -23.56
N LEU A 312 -0.17 -16.55 -22.32
CA LEU A 312 -0.41 -15.11 -22.10
C LEU A 312 0.66 -14.26 -22.77
N LYS A 313 1.92 -14.71 -22.76
CA LYS A 313 2.98 -13.97 -23.42
C LYS A 313 2.68 -13.85 -24.93
N GLU A 314 2.29 -14.97 -25.53
CA GLU A 314 1.93 -14.97 -26.95
C GLU A 314 0.75 -14.05 -27.22
N ARG A 315 -0.30 -14.10 -26.40
CA ARG A 315 -1.45 -13.23 -26.63
C ARG A 315 -1.14 -11.76 -26.45
N ALA A 316 -0.35 -11.41 -25.43
CA ALA A 316 0.04 -10.01 -25.21
C ALA A 316 0.90 -9.52 -26.37
N ALA A 317 1.81 -10.37 -26.86
CA ALA A 317 2.65 -9.98 -27.99
C ALA A 317 1.78 -9.78 -29.23
N ALA A 318 0.81 -10.66 -29.46
CA ALA A 318 -0.07 -10.49 -30.63
C ALA A 318 -0.89 -9.22 -30.49
N PHE A 319 -1.38 -8.92 -29.29
CA PHE A 319 -2.14 -7.70 -29.03
C PHE A 319 -1.32 -6.48 -29.38
N ARG A 320 -0.11 -6.37 -28.83
CA ARG A 320 0.74 -5.22 -29.10
C ARG A 320 1.20 -5.13 -30.55
N ALA A 321 1.33 -6.25 -31.24
CA ALA A 321 1.79 -6.26 -32.63
C ALA A 321 0.69 -5.94 -33.63
N ASP A 322 -0.56 -6.02 -33.22
CA ASP A 322 -1.69 -5.79 -34.11
C ASP A 322 -1.83 -4.34 -34.48
N PRO A 323 -1.79 -3.99 -35.76
CA PRO A 323 -1.98 -2.60 -36.17
C PRO A 323 -3.32 -2.03 -35.75
N GLU A 324 -4.37 -2.86 -35.64
CA GLU A 324 -5.66 -2.39 -35.17
C GLU A 324 -5.60 -1.98 -33.70
N VAL A 325 -4.79 -2.68 -32.91
CA VAL A 325 -4.60 -2.32 -31.50
C VAL A 325 -3.76 -1.06 -31.41
N GLN A 326 -2.72 -0.95 -32.24
CA GLN A 326 -1.91 0.28 -32.19
C GLN A 326 -2.77 1.49 -32.57
N GLU A 327 -3.69 1.31 -33.53
CA GLU A 327 -4.62 2.38 -33.87
C GLU A 327 -5.53 2.71 -32.69
N ALA A 328 -6.01 1.68 -32.00
CA ALA A 328 -6.88 1.92 -30.84
C ALA A 328 -6.12 2.60 -29.71
N LEU A 329 -4.84 2.27 -29.51
CA LEU A 329 -4.05 2.94 -28.48
C LEU A 329 -3.88 4.41 -28.80
N ARG A 330 -3.73 4.74 -30.09
CA ARG A 330 -3.62 6.12 -30.52
C ARG A 330 -4.96 6.82 -30.34
N ALA A 331 -6.05 6.11 -30.62
CA ALA A 331 -7.39 6.68 -30.46
C ALA A 331 -7.71 7.00 -29.00
N SER A 332 -7.14 6.24 -28.08
CA SER A 332 -7.29 6.46 -26.65
C SER A 332 -6.22 7.33 -26.03
N ARG A 333 -5.33 7.85 -26.86
CA ARG A 333 -4.27 8.77 -26.48
C ARG A 333 -3.28 8.20 -25.48
N LEU A 334 -2.99 6.91 -25.58
CA LEU A 334 -1.99 6.29 -24.70
C LEU A 334 -0.62 6.93 -24.94
N ASP A 335 -0.31 7.25 -26.18
CA ASP A 335 0.97 7.86 -26.51
C ASP A 335 1.08 9.27 -25.95
N GLU A 336 0.00 10.03 -25.84
CA GLU A 336 0.04 11.38 -25.32
C GLU A 336 0.44 11.41 -23.84
N LEU A 337 0.15 10.34 -23.12
CA LEU A 337 0.54 10.23 -21.72
C LEU A 337 2.05 10.24 -21.54
N ALA A 338 2.81 9.82 -22.57
CA ALA A 338 4.25 9.81 -22.54
C ALA A 338 4.89 11.17 -22.77
N ARG A 339 4.12 12.13 -23.28
CA ARG A 339 4.65 13.47 -23.50
C ARG A 339 4.63 14.25 -22.19
N PRO A 340 5.69 14.99 -21.88
CA PRO A 340 5.67 15.83 -20.70
C PRO A 340 4.47 16.75 -20.74
N THR A 341 3.86 16.99 -19.58
CA THR A 341 2.75 17.93 -19.47
C THR A 341 3.19 19.37 -19.72
N ALA A 342 4.35 19.71 -19.19
CA ALA A 342 4.80 21.11 -19.29
C ALA A 342 6.32 21.19 -19.33
N ALA A 343 6.87 20.70 -20.44
CA ALA A 343 8.31 20.78 -20.69
C ALA A 343 8.69 22.22 -21.03
N ASP A 344 7.71 23.05 -21.35
CA ASP A 344 7.90 24.48 -21.57
C ASP A 344 8.19 25.20 -20.26
N GLY A 345 7.93 24.59 -19.11
CA GLY A 345 8.22 25.10 -17.80
C GLY A 345 7.05 25.78 -17.09
N LEU A 346 7.24 25.95 -15.79
CA LEU A 346 6.22 26.57 -14.95
C LEU A 346 5.79 27.94 -15.42
N GLN A 347 6.73 28.86 -15.70
CA GLN A 347 6.30 30.19 -16.12
C GLN A 347 5.49 30.16 -17.40
N ALA A 348 5.93 29.36 -18.39
CA ALA A 348 5.20 29.23 -19.64
C ALA A 348 3.79 28.71 -19.42
N LEU A 349 3.66 27.69 -18.55
CA LEU A 349 2.35 27.14 -18.24
C LEU A 349 1.42 28.18 -17.64
N LEU A 350 1.95 28.96 -16.69
CA LEU A 350 1.19 30.01 -16.05
C LEU A 350 0.76 31.10 -17.04
N ASP A 351 1.61 31.37 -18.03
CA ASP A 351 1.29 32.37 -19.05
C ASP A 351 0.50 31.84 -20.21
N ASP A 352 0.25 30.54 -20.28
CA ASP A 352 -0.47 29.91 -21.37
C ASP A 352 -1.97 30.00 -21.16
N ARG A 353 -2.63 30.91 -21.88
CA ARG A 353 -4.07 31.09 -21.77
C ARG A 353 -4.86 29.90 -22.27
N SER A 354 -4.29 29.09 -23.16
CA SER A 354 -4.93 27.88 -23.65
C SER A 354 -5.01 26.80 -22.59
N ALA A 355 -4.29 26.94 -21.49
CA ALA A 355 -4.32 25.98 -20.39
C ALA A 355 -5.34 26.36 -19.33
N PHE A 356 -6.01 27.51 -19.46
CA PHE A 356 -6.99 27.87 -18.43
C PHE A 356 -8.03 28.84 -18.95
N GLU A 357 -7.63 30.10 -19.09
CA GLU A 357 -8.51 31.16 -19.53
C GLU A 357 -9.26 30.84 -20.81
N GLU A 358 -8.59 30.27 -21.81
CA GLU A 358 -9.20 29.96 -23.09
C GLU A 358 -9.29 28.47 -23.35
N PHE A 359 -9.20 27.67 -22.28
CA PHE A 359 -9.30 26.22 -22.46
C PHE A 359 -10.76 25.84 -22.65
N ASP A 360 -11.07 25.14 -23.75
CA ASP A 360 -12.44 24.71 -24.01
C ASP A 360 -12.70 23.41 -23.25
N VAL A 361 -13.10 23.53 -21.98
CA VAL A 361 -13.34 22.38 -21.14
C VAL A 361 -14.47 21.49 -21.66
N ASP A 362 -15.50 22.08 -22.26
CA ASP A 362 -16.61 21.28 -22.77
C ASP A 362 -16.21 20.48 -24.00
N ALA A 363 -15.40 21.06 -24.89
CA ALA A 363 -14.95 20.29 -26.06
C ALA A 363 -14.06 19.15 -25.60
N ALA A 364 -13.16 19.41 -24.64
CA ALA A 364 -12.29 18.36 -24.13
C ALA A 364 -13.11 17.27 -23.44
N ALA A 365 -14.08 17.66 -22.63
CA ALA A 365 -14.95 16.72 -21.93
C ALA A 365 -15.74 15.84 -22.88
N ALA A 366 -16.16 16.35 -24.03
CA ALA A 366 -16.94 15.57 -24.98
C ALA A 366 -16.13 14.51 -25.70
N ARG A 367 -14.80 14.55 -25.70
CA ARG A 367 -14.01 13.58 -26.42
C ARG A 367 -14.03 12.21 -25.72
N GLY A 368 -14.59 11.21 -26.35
CA GLY A 368 -14.59 9.87 -25.75
C GLY A 368 -13.15 9.35 -25.66
N MET A 369 -12.89 8.53 -24.65
CA MET A 369 -11.55 7.95 -24.52
C MET A 369 -11.38 6.70 -25.37
N ALA A 370 -12.47 6.11 -25.83
CA ALA A 370 -12.45 4.91 -26.65
C ALA A 370 -11.79 3.73 -25.94
N PHE A 371 -11.91 3.69 -24.60
CA PHE A 371 -11.31 2.63 -23.83
C PHE A 371 -12.02 1.29 -23.98
N GLU A 372 -13.33 1.32 -24.25
CA GLU A 372 -14.05 0.06 -24.38
C GLU A 372 -13.66 -0.69 -25.65
N ARG A 373 -13.52 0.01 -26.78
CA ARG A 373 -13.09 -0.66 -28.01
C ARG A 373 -11.69 -1.25 -27.78
N LEU A 374 -10.80 -0.47 -27.17
CA LEU A 374 -9.46 -0.97 -26.89
C LEU A 374 -9.49 -2.22 -26.04
N ASP A 375 -10.29 -2.19 -24.97
CA ASP A 375 -10.37 -3.34 -24.08
C ASP A 375 -11.01 -4.55 -24.75
N GLN A 376 -11.95 -4.36 -25.67
CA GLN A 376 -12.53 -5.48 -26.39
C GLN A 376 -11.52 -6.06 -27.37
N LEU A 377 -10.64 -5.24 -27.93
CA LEU A 377 -9.58 -5.80 -28.78
C LEU A 377 -8.63 -6.64 -27.92
N ALA A 378 -8.37 -6.19 -26.69
CA ALA A 378 -7.54 -6.93 -25.75
C ALA A 378 -8.21 -8.25 -25.37
N MET A 379 -9.51 -8.22 -25.15
CA MET A 379 -10.27 -9.42 -24.84
C MET A 379 -10.20 -10.41 -25.99
N ASP A 380 -10.43 -9.90 -27.21
CA ASP A 380 -10.39 -10.74 -28.40
C ASP A 380 -9.03 -11.43 -28.54
N HIS A 381 -7.96 -10.67 -28.33
CA HIS A 381 -6.61 -11.24 -28.40
C HIS A 381 -6.36 -12.28 -27.33
N LEU A 382 -6.76 -11.98 -26.08
CA LEU A 382 -6.57 -12.96 -25.01
C LEU A 382 -7.29 -14.26 -25.30
N LEU A 383 -8.52 -14.19 -25.82
CA LEU A 383 -9.30 -15.39 -26.09
C LEU A 383 -9.01 -16.03 -27.45
N GLY A 384 -8.16 -15.41 -28.25
CA GLY A 384 -7.83 -15.92 -29.59
C GLY A 384 -9.06 -15.86 -30.47
N ALA A 385 -9.84 -14.78 -30.36
CA ALA A 385 -11.07 -14.61 -31.10
C ALA A 385 -11.04 -13.46 -32.10
N ARG A 386 -9.85 -13.06 -32.53
CA ARG A 386 -9.72 -11.98 -33.49
C ARG A 386 -10.17 -12.38 -34.88
N ASN B 1 -21.34 16.59 28.55
CA ASN B 1 -20.00 15.94 28.63
C ASN B 1 -19.35 15.82 27.25
N TYR B 2 -18.05 15.61 27.18
CA TYR B 2 -17.32 15.44 25.92
C TYR B 2 -17.61 16.57 24.95
N GLN B 3 -17.60 17.81 25.43
CA GLN B 3 -17.89 18.96 24.59
C GLN B 3 -16.63 19.40 23.86
N PRO B 4 -16.67 19.43 22.54
CA PRO B 4 -15.52 19.88 21.77
C PRO B 4 -15.33 21.38 21.91
N THR B 5 -14.06 21.79 21.90
CA THR B 5 -13.69 23.20 21.94
C THR B 5 -12.62 23.39 20.86
N PRO B 6 -12.38 24.64 20.44
CA PRO B 6 -11.47 24.93 19.35
C PRO B 6 -10.06 24.42 19.47
N GLU B 7 -9.50 24.28 20.68
CA GLU B 7 -8.14 23.77 20.81
C GLU B 7 -8.06 22.28 20.56
N ASP B 8 -9.20 21.58 20.42
CA ASP B 8 -9.20 20.19 19.99
C ASP B 8 -8.86 20.11 18.50
N ARG B 9 -8.90 21.19 17.74
CA ARG B 9 -8.49 21.20 16.34
C ARG B 9 -9.36 20.36 15.42
N PHE B 10 -10.66 20.29 15.72
CA PHE B 10 -11.57 19.56 14.86
C PHE B 10 -11.94 20.40 13.67
N THR B 11 -11.76 19.88 12.46
CA THR B 11 -12.10 20.63 11.25
C THR B 11 -12.99 19.80 10.35
N PHE B 12 -13.72 20.45 9.47
CA PHE B 12 -14.67 19.79 8.59
C PHE B 12 -14.60 20.39 7.19
N GLY B 13 -14.74 19.53 6.18
CA GLY B 13 -14.80 20.05 4.81
C GLY B 13 -16.15 20.72 4.58
N LEU B 14 -16.18 21.76 3.76
CA LEU B 14 -17.47 22.37 3.41
C LEU B 14 -18.40 21.36 2.74
N TRP B 15 -17.81 20.43 1.99
CA TRP B 15 -18.52 19.40 1.27
C TRP B 15 -19.09 18.29 2.14
N THR B 16 -18.76 18.27 3.42
CA THR B 16 -19.19 17.20 4.32
C THR B 16 -20.59 17.48 4.82
N VAL B 17 -20.75 18.49 5.68
CA VAL B 17 -22.05 18.93 6.15
C VAL B 17 -22.86 19.48 4.98
N GLY B 18 -22.19 19.97 3.92
CA GLY B 18 -22.88 20.47 2.75
C GLY B 18 -23.26 19.41 1.73
N TRP B 19 -22.99 18.13 1.98
CA TRP B 19 -23.36 17.09 1.01
C TRP B 19 -24.87 17.06 0.86
N GLN B 20 -25.36 17.24 -0.37
CA GLN B 20 -26.79 17.25 -0.64
C GLN B 20 -27.41 15.87 -0.71
N GLY B 21 -26.64 14.80 -0.64
CA GLY B 21 -27.22 13.46 -0.59
C GLY B 21 -27.41 12.79 -1.93
N ARG B 22 -26.85 13.37 -3.00
CA ARG B 22 -26.96 12.74 -4.31
C ARG B 22 -25.92 11.63 -4.36
N ASP B 23 -26.39 10.46 -4.76
N ASP B 23 -26.36 10.46 -4.80
CA ASP B 23 -25.53 9.29 -4.95
CA ASP B 23 -25.49 9.29 -4.95
C ASP B 23 -25.87 8.85 -6.37
C ASP B 23 -25.77 8.72 -6.33
N PRO B 24 -25.18 7.91 -6.96
N PRO B 24 -25.02 7.76 -6.82
CA PRO B 24 -25.43 7.45 -8.32
CA PRO B 24 -25.22 7.16 -8.13
C PRO B 24 -26.79 6.83 -8.53
C PRO B 24 -26.61 6.66 -8.45
N PHE B 25 -27.43 6.35 -7.46
CA PHE B 25 -28.73 5.72 -7.57
C PHE B 25 -29.84 6.63 -7.07
N GLY B 26 -29.52 7.84 -6.63
CA GLY B 26 -30.58 8.70 -6.10
C GLY B 26 -30.26 10.17 -6.14
N ASP B 27 -31.33 10.96 -6.14
CA ASP B 27 -31.22 12.41 -6.20
C ASP B 27 -30.96 13.01 -4.83
N ALA B 28 -30.61 14.29 -4.85
CA ALA B 28 -30.33 15.01 -3.60
C ALA B 28 -31.52 14.93 -2.66
N THR B 29 -31.23 14.81 -1.35
CA THR B 29 -32.29 14.80 -0.36
C THR B 29 -32.26 16.07 0.48
N ARG B 30 -31.23 16.91 0.31
CA ARG B 30 -31.10 18.14 1.07
C ARG B 30 -30.73 19.30 0.15
N ARG B 31 -31.21 20.49 0.53
CA ARG B 31 -30.89 21.68 -0.26
C ARG B 31 -29.42 22.04 -0.05
N ALA B 32 -28.84 22.80 -0.99
CA ALA B 32 -27.47 23.24 -0.86
C ALA B 32 -27.32 24.16 0.35
N LEU B 33 -26.16 24.05 1.01
CA LEU B 33 -25.86 24.88 2.15
C LEU B 33 -24.94 26.03 1.74
N ASP B 34 -25.24 27.21 2.29
CA ASP B 34 -24.34 28.34 2.07
C ASP B 34 -23.12 28.13 2.97
N PRO B 35 -21.92 28.21 2.42
CA PRO B 35 -20.69 28.08 3.22
C PRO B 35 -20.69 28.96 4.46
N VAL B 36 -21.26 30.16 4.39
CA VAL B 36 -21.35 31.04 5.56
C VAL B 36 -22.13 30.35 6.67
N GLU B 37 -23.24 29.70 6.34
CA GLU B 37 -24.00 29.00 7.38
C GLU B 37 -23.19 27.85 7.96
N SER B 38 -22.47 27.10 7.11
CA SER B 38 -21.65 26.01 7.63
C SER B 38 -20.59 26.50 8.59
N VAL B 39 -19.91 27.60 8.25
CA VAL B 39 -18.90 28.17 9.15
C VAL B 39 -19.52 28.52 10.49
N ARG B 40 -20.66 29.21 10.47
CA ARG B 40 -21.32 29.62 11.70
C ARG B 40 -21.82 28.46 12.55
N ARG B 41 -22.45 27.47 11.94
CA ARG B 41 -22.98 26.33 12.68
C ARG B 41 -21.87 25.45 13.24
N LEU B 42 -20.82 25.24 12.44
CA LEU B 42 -19.70 24.42 12.94
C LEU B 42 -19.00 25.12 14.10
N ALA B 43 -18.87 26.45 14.01
CA ALA B 43 -18.26 27.18 15.11
C ALA B 43 -19.09 27.04 16.38
N GLU B 44 -20.42 27.07 16.26
CA GLU B 44 -21.29 26.89 17.41
C GLU B 44 -21.15 25.52 18.02
N LEU B 45 -20.82 24.49 17.23
CA LEU B 45 -20.64 23.15 17.76
C LEU B 45 -19.26 22.91 18.35
N GLY B 46 -18.34 23.86 18.27
CA GLY B 46 -17.01 23.72 18.87
C GLY B 46 -15.92 23.38 17.89
N ALA B 47 -16.20 23.48 16.59
CA ALA B 47 -15.19 23.17 15.59
C ALA B 47 -14.07 24.21 15.61
N HIS B 48 -12.89 23.82 15.16
CA HIS B 48 -11.75 24.73 15.06
C HIS B 48 -11.70 25.43 13.72
N GLY B 49 -12.13 24.75 12.66
CA GLY B 49 -12.05 25.32 11.33
C GLY B 49 -12.73 24.46 10.27
N VAL B 50 -12.56 24.93 9.04
CA VAL B 50 -13.17 24.31 7.87
C VAL B 50 -12.13 24.20 6.77
N THR B 51 -12.43 23.35 5.80
CA THR B 51 -11.57 23.13 4.64
C THR B 51 -12.46 23.17 3.39
N PHE B 52 -11.87 23.26 2.21
CA PHE B 52 -12.70 23.33 1.02
C PHE B 52 -11.95 22.89 -0.23
N HIS B 53 -12.76 22.45 -1.19
CA HIS B 53 -12.28 22.29 -2.55
C HIS B 53 -12.61 23.67 -3.18
N ASP B 54 -11.80 24.11 -4.12
CA ASP B 54 -12.09 25.34 -4.86
C ASP B 54 -13.56 25.43 -5.25
N ASP B 55 -14.10 24.36 -5.85
CA ASP B 55 -15.47 24.38 -6.35
C ASP B 55 -16.55 24.31 -5.29
N ASP B 56 -16.22 24.06 -4.04
CA ASP B 56 -17.17 24.09 -2.95
C ASP B 56 -17.43 25.55 -2.57
N LEU B 57 -16.38 26.36 -2.66
CA LEU B 57 -16.47 27.76 -2.24
C LEU B 57 -16.90 28.67 -3.37
N ILE B 58 -16.38 28.41 -4.57
CA ILE B 58 -16.65 29.22 -5.76
C ILE B 58 -17.20 28.29 -6.83
N PRO B 59 -18.46 28.45 -7.17
CA PRO B 59 -19.09 27.62 -8.18
C PRO B 59 -18.23 27.57 -9.44
N PHE B 60 -18.08 26.38 -9.99
CA PHE B 60 -17.29 26.21 -11.20
C PHE B 60 -17.76 27.18 -12.28
N GLY B 61 -16.81 27.83 -12.94
CA GLY B 61 -17.12 28.74 -14.02
C GLY B 61 -17.43 30.16 -13.60
N SER B 62 -17.32 30.49 -12.31
CA SER B 62 -17.60 31.81 -11.81
C SER B 62 -16.73 32.90 -12.43
N SER B 63 -17.35 34.06 -12.66
CA SER B 63 -16.62 35.22 -13.17
C SER B 63 -15.73 35.74 -12.05
N ASP B 64 -14.81 36.65 -12.34
CA ASP B 64 -13.94 37.22 -11.30
C ASP B 64 -14.75 37.96 -10.25
N SER B 65 -15.78 38.70 -10.67
CA SER B 65 -16.63 39.42 -9.73
C SER B 65 -17.41 38.45 -8.84
N GLU B 66 -17.92 37.37 -9.43
CA GLU B 66 -18.64 36.36 -8.68
C GLU B 66 -17.70 35.68 -7.68
N ARG B 67 -16.51 35.32 -8.14
CA ARG B 67 -15.49 34.71 -7.31
C ARG B 67 -15.17 35.56 -6.09
N GLU B 68 -14.92 36.84 -6.31
CA GLU B 68 -14.62 37.79 -5.25
C GLU B 68 -15.75 37.89 -4.24
N GLU B 69 -17.01 37.89 -4.69
CA GLU B 69 -18.13 37.95 -3.78
C GLU B 69 -18.22 36.70 -2.91
N HIS B 70 -18.08 35.52 -3.52
CA HIS B 70 -18.11 34.29 -2.73
C HIS B 70 -16.98 34.26 -1.70
N VAL B 71 -15.77 34.66 -2.09
CA VAL B 71 -14.65 34.65 -1.16
C VAL B 71 -14.84 35.70 -0.09
N LYS B 72 -15.29 36.91 -0.43
CA LYS B 72 -15.52 37.95 0.56
C LYS B 72 -16.49 37.52 1.63
N ARG B 73 -17.63 36.92 1.26
CA ARG B 73 -18.62 36.48 2.23
C ARG B 73 -18.04 35.41 3.17
N PHE B 74 -17.31 34.47 2.58
CA PHE B 74 -16.68 33.39 3.37
C PHE B 74 -15.67 33.96 4.33
N ARG B 75 -14.81 34.88 3.87
CA ARG B 75 -13.83 35.51 4.73
C ARG B 75 -14.53 36.25 5.88
N GLN B 76 -15.65 36.92 5.59
CA GLN B 76 -16.37 37.63 6.64
C GLN B 76 -16.85 36.66 7.72
N ALA B 77 -17.35 35.48 7.33
CA ALA B 77 -17.80 34.49 8.30
C ALA B 77 -16.64 33.97 9.14
N LEU B 78 -15.50 33.75 8.49
CA LEU B 78 -14.31 33.33 9.23
C LEU B 78 -13.87 34.42 10.21
N ASP B 79 -13.87 35.66 9.73
CA ASP B 79 -13.44 36.80 10.54
C ASP B 79 -14.32 36.95 11.78
N ASP B 80 -15.62 36.75 11.59
CA ASP B 80 -16.62 36.88 12.61
C ASP B 80 -16.56 35.82 13.68
N THR B 81 -16.27 34.57 13.30
CA THR B 81 -16.25 33.45 14.21
C THR B 81 -14.89 33.07 14.76
N GLY B 82 -13.84 33.47 14.03
CA GLY B 82 -12.49 33.08 14.44
C GLY B 82 -12.12 31.70 13.89
N MET B 83 -12.98 31.15 13.04
CA MET B 83 -12.74 29.83 12.45
C MET B 83 -11.55 29.92 11.50
N LYS B 84 -10.74 28.86 11.53
CA LYS B 84 -9.54 28.78 10.72
C LYS B 84 -9.80 27.95 9.46
N VAL B 85 -8.88 28.05 8.52
CA VAL B 85 -8.88 27.25 7.29
C VAL B 85 -7.51 26.59 7.18
N PRO B 86 -7.30 25.45 7.83
CA PRO B 86 -5.98 24.83 7.87
C PRO B 86 -5.57 24.07 6.63
N MET B 87 -6.54 23.74 5.79
CA MET B 87 -6.26 22.92 4.61
C MET B 87 -7.25 23.29 3.51
N ALA B 88 -6.81 23.15 2.28
CA ALA B 88 -7.70 23.29 1.13
C ALA B 88 -7.21 22.32 0.05
N THR B 89 -8.04 22.14 -0.96
CA THR B 89 -7.76 21.17 -2.02
C THR B 89 -8.47 21.59 -3.31
N THR B 90 -8.19 20.88 -4.39
CA THR B 90 -8.77 21.20 -5.68
C THR B 90 -9.78 20.12 -6.07
N ASN B 91 -10.86 20.50 -6.72
CA ASN B 91 -11.76 19.48 -7.25
C ASN B 91 -11.27 19.12 -8.65
N LEU B 92 -10.58 18.00 -8.77
CA LEU B 92 -10.08 17.50 -10.06
C LEU B 92 -10.82 16.20 -10.39
N PHE B 93 -12.10 16.15 -10.03
CA PHE B 93 -12.85 14.91 -10.25
C PHE B 93 -14.31 15.06 -10.64
N THR B 94 -15.00 16.15 -10.32
CA THR B 94 -16.42 16.24 -10.65
C THR B 94 -16.70 16.56 -12.11
N HIS B 95 -16.05 17.59 -12.63
CA HIS B 95 -16.32 18.02 -14.01
C HIS B 95 -15.99 16.91 -14.98
N PRO B 96 -16.85 16.68 -15.97
CA PRO B 96 -16.60 15.67 -17.01
C PRO B 96 -15.27 15.78 -17.71
N VAL B 97 -14.62 16.94 -17.78
CA VAL B 97 -13.30 17.07 -18.38
C VAL B 97 -12.27 16.17 -17.68
N PHE B 98 -12.47 15.90 -16.39
CA PHE B 98 -11.56 15.06 -15.63
C PHE B 98 -11.96 13.60 -15.63
N LYS B 99 -12.75 13.13 -16.61
CA LYS B 99 -13.18 11.74 -16.63
C LYS B 99 -12.04 10.74 -16.71
N ASP B 100 -10.89 11.07 -17.25
CA ASP B 100 -9.75 10.17 -17.31
C ASP B 100 -8.62 10.67 -16.41
N GLY B 101 -8.94 11.60 -15.51
CA GLY B 101 -7.95 12.15 -14.60
C GLY B 101 -7.68 13.63 -14.83
N GLY B 102 -6.94 14.19 -13.88
CA GLY B 102 -6.44 15.57 -13.96
C GLY B 102 -4.96 15.48 -14.33
N PHE B 103 -4.09 15.29 -13.35
CA PHE B 103 -2.65 15.22 -13.60
C PHE B 103 -2.22 14.07 -14.49
N THR B 104 -2.97 12.97 -14.53
CA THR B 104 -2.61 11.81 -15.33
C THR B 104 -3.61 11.49 -16.42
N ALA B 105 -4.42 12.48 -16.82
CA ALA B 105 -5.30 12.30 -17.98
C ALA B 105 -4.44 11.93 -19.19
N ASN B 106 -4.95 11.08 -20.09
CA ASN B 106 -4.16 10.79 -21.29
C ASN B 106 -4.01 12.05 -22.15
N ASP B 107 -5.03 12.89 -22.19
CA ASP B 107 -4.97 14.13 -22.94
C ASP B 107 -4.09 15.14 -22.24
N ARG B 108 -3.03 15.60 -22.91
CA ARG B 108 -2.09 16.57 -22.36
C ARG B 108 -2.73 17.90 -22.01
N ASP B 109 -3.69 18.35 -22.83
CA ASP B 109 -4.32 19.65 -22.54
C ASP B 109 -5.09 19.60 -21.22
N VAL B 110 -5.69 18.45 -20.89
CA VAL B 110 -6.38 18.31 -19.60
C VAL B 110 -5.40 18.32 -18.45
N ARG B 111 -4.23 17.70 -18.59
CA ARG B 111 -3.22 17.72 -17.55
C ARG B 111 -2.78 19.15 -17.25
N ARG B 112 -2.59 19.96 -18.29
CA ARG B 112 -2.17 21.35 -18.11
C ARG B 112 -3.25 22.17 -17.40
N TYR B 113 -4.51 21.96 -17.80
CA TYR B 113 -5.64 22.61 -17.17
C TYR B 113 -5.71 22.23 -15.70
N ALA B 114 -5.56 20.94 -15.38
CA ALA B 114 -5.59 20.50 -13.97
C ALA B 114 -4.55 21.23 -13.15
N LEU B 115 -3.34 21.43 -13.66
CA LEU B 115 -2.30 22.15 -12.95
C LEU B 115 -2.67 23.63 -12.76
N ARG B 116 -3.22 24.26 -13.81
CA ARG B 116 -3.61 25.66 -13.67
C ARG B 116 -4.72 25.83 -12.64
N LYS B 117 -5.70 24.93 -12.65
CA LYS B 117 -6.82 24.98 -11.69
C LYS B 117 -6.29 24.82 -10.28
N THR B 118 -5.36 23.91 -10.07
CA THR B 118 -4.75 23.69 -8.76
C THR B 118 -3.97 24.93 -8.30
N ILE B 119 -3.11 25.46 -9.17
CA ILE B 119 -2.30 26.63 -8.77
C ILE B 119 -3.16 27.80 -8.38
N ARG B 120 -4.24 28.07 -9.11
CA ARG B 120 -5.12 29.16 -8.73
C ARG B 120 -5.63 29.01 -7.31
N ASN B 121 -6.01 27.79 -6.92
CA ASN B 121 -6.55 27.53 -5.60
C ASN B 121 -5.46 27.49 -4.53
N ILE B 122 -4.23 27.13 -4.86
CA ILE B 122 -3.15 27.20 -3.87
C ILE B 122 -3.02 28.65 -3.39
N ASP B 123 -3.05 29.62 -4.31
CA ASP B 123 -2.93 31.02 -3.91
C ASP B 123 -4.04 31.39 -2.92
N LEU B 124 -5.28 30.97 -3.22
CA LEU B 124 -6.38 31.29 -2.31
C LEU B 124 -6.21 30.61 -0.97
N ALA B 125 -5.83 29.33 -0.97
CA ALA B 125 -5.62 28.57 0.27
C ALA B 125 -4.57 29.24 1.13
N VAL B 126 -3.47 29.68 0.50
CA VAL B 126 -2.41 30.35 1.27
C VAL B 126 -2.93 31.64 1.91
N GLU B 127 -3.67 32.44 1.15
CA GLU B 127 -4.25 33.68 1.66
C GLU B 127 -5.15 33.45 2.86
N LEU B 128 -5.94 32.37 2.83
CA LEU B 128 -6.85 32.03 3.90
C LEU B 128 -6.19 31.33 5.08
N GLY B 129 -4.89 31.07 5.05
CA GLY B 129 -4.17 30.50 6.16
C GLY B 129 -3.94 29.00 6.14
N ALA B 130 -4.10 28.35 4.99
CA ALA B 130 -3.87 26.90 5.02
C ALA B 130 -2.41 26.55 5.24
N GLU B 131 -2.16 25.51 6.00
CA GLU B 131 -0.82 24.98 6.19
C GLU B 131 -0.58 23.77 5.27
N THR B 132 -1.66 23.14 4.81
CA THR B 132 -1.57 21.96 3.97
C THR B 132 -2.49 22.07 2.77
N TYR B 133 -2.01 21.61 1.63
CA TYR B 133 -2.78 21.58 0.40
C TYR B 133 -2.91 20.11 0.01
N VAL B 134 -4.14 19.59 0.05
CA VAL B 134 -4.35 18.16 -0.23
C VAL B 134 -4.58 17.90 -1.71
N ALA B 135 -4.12 16.73 -2.15
CA ALA B 135 -4.42 16.25 -3.49
C ALA B 135 -5.01 14.84 -3.37
N TRP B 136 -6.24 14.68 -3.80
CA TRP B 136 -6.89 13.37 -3.88
C TRP B 136 -7.07 13.12 -5.39
N GLY B 137 -6.24 12.25 -5.95
CA GLY B 137 -6.35 11.98 -7.39
C GLY B 137 -7.41 10.91 -7.65
N GLY B 138 -8.66 11.23 -7.38
CA GLY B 138 -9.76 10.30 -7.51
C GLY B 138 -10.03 9.81 -8.92
N ARG B 139 -9.65 10.56 -9.94
CA ARG B 139 -9.84 10.15 -11.31
C ARG B 139 -8.58 9.59 -11.94
N GLU B 140 -7.48 9.49 -11.18
CA GLU B 140 -6.25 8.96 -11.74
C GLU B 140 -6.28 7.45 -11.66
N GLY B 141 -6.35 6.80 -12.82
CA GLY B 141 -6.42 5.34 -12.79
C GLY B 141 -7.13 4.80 -14.03
N ALA B 142 -7.89 3.72 -13.87
CA ALA B 142 -8.50 3.08 -15.02
C ALA B 142 -9.55 2.07 -14.58
N GLU B 143 -10.38 1.69 -15.55
CA GLU B 143 -11.30 0.59 -15.40
C GLU B 143 -10.78 -0.64 -16.15
N SER B 144 -9.95 -0.44 -17.15
CA SER B 144 -9.45 -1.54 -17.99
C SER B 144 -7.94 -1.46 -18.11
N GLY B 145 -7.30 -2.61 -18.33
CA GLY B 145 -5.86 -2.69 -18.28
C GLY B 145 -5.06 -1.93 -19.30
N GLY B 146 -5.57 -1.77 -20.51
CA GLY B 146 -4.84 -1.10 -21.56
C GLY B 146 -5.03 0.41 -21.61
N ALA B 147 -5.96 0.94 -20.82
CA ALA B 147 -6.30 2.36 -20.89
C ALA B 147 -5.25 3.29 -20.32
N LYS B 148 -4.40 2.80 -19.42
CA LYS B 148 -3.43 3.64 -18.75
C LYS B 148 -2.07 2.99 -18.66
N ASP B 149 -1.06 3.62 -19.24
CA ASP B 149 0.33 3.15 -19.09
C ASP B 149 0.74 3.74 -17.74
N VAL B 150 0.81 2.87 -16.73
CA VAL B 150 1.01 3.36 -15.35
C VAL B 150 2.39 3.97 -15.14
N ARG B 151 3.44 3.47 -15.77
CA ARG B 151 4.75 4.12 -15.64
C ARG B 151 4.72 5.53 -16.22
N ASP B 152 4.07 5.69 -17.39
CA ASP B 152 3.97 7.05 -17.95
C ASP B 152 3.10 7.92 -17.05
N ALA B 153 2.03 7.33 -16.49
CA ALA B 153 1.15 8.08 -15.61
C ALA B 153 1.90 8.54 -14.37
N LEU B 154 2.76 7.69 -13.80
CA LEU B 154 3.55 8.10 -12.64
C LEU B 154 4.56 9.17 -13.00
N ASP B 155 5.10 9.12 -14.23
CA ASP B 155 5.99 10.20 -14.68
C ASP B 155 5.19 11.52 -14.71
N ARG B 156 3.97 11.47 -15.23
CA ARG B 156 3.14 12.65 -15.29
C ARG B 156 2.73 13.14 -13.90
N MET B 157 2.46 12.21 -12.98
CA MET B 157 2.08 12.59 -11.62
C MET B 157 3.25 13.27 -10.93
N LYS B 158 4.44 12.70 -11.08
CA LYS B 158 5.65 13.29 -10.53
C LYS B 158 5.87 14.68 -11.13
N GLU B 159 5.73 14.80 -12.44
CA GLU B 159 5.94 16.09 -13.10
C GLU B 159 5.00 17.15 -12.54
N ALA B 160 3.74 16.78 -12.37
CA ALA B 160 2.76 17.70 -11.80
C ALA B 160 3.11 18.12 -10.38
N PHE B 161 3.42 17.16 -9.49
CA PHE B 161 3.76 17.52 -8.11
C PHE B 161 5.06 18.29 -8.07
N ASP B 162 6.01 18.00 -8.95
CA ASP B 162 7.26 18.78 -8.99
C ASP B 162 6.99 20.22 -9.40
N LEU B 163 6.12 20.44 -10.38
CA LEU B 163 5.75 21.80 -10.80
C LEU B 163 5.06 22.53 -9.67
N LEU B 164 4.19 21.86 -8.91
CA LEU B 164 3.53 22.52 -7.78
C LEU B 164 4.54 22.89 -6.70
N GLY B 165 5.52 22.05 -6.46
CA GLY B 165 6.60 22.31 -5.52
C GLY B 165 7.45 23.51 -5.99
N GLU B 166 7.72 23.56 -7.28
CA GLU B 166 8.46 24.69 -7.85
C GLU B 166 7.65 25.96 -7.64
N TYR B 167 6.34 25.88 -7.86
CA TYR B 167 5.48 27.03 -7.68
C TYR B 167 5.46 27.56 -6.26
N VAL B 168 5.18 26.73 -5.26
CA VAL B 168 5.15 27.25 -3.89
C VAL B 168 6.52 27.77 -3.46
N THR B 169 7.60 27.12 -3.90
CA THR B 169 8.94 27.60 -3.56
C THR B 169 9.22 28.95 -4.21
N SER B 170 8.83 29.13 -5.46
CA SER B 170 9.03 30.39 -6.17
C SER B 170 8.26 31.53 -5.52
N GLN B 171 7.11 31.26 -4.90
CA GLN B 171 6.31 32.29 -4.27
C GLN B 171 6.68 32.52 -2.82
N GLY B 172 7.55 31.69 -2.27
CA GLY B 172 7.96 31.82 -0.87
C GLY B 172 6.87 31.36 0.10
N TYR B 173 5.98 30.48 -0.36
CA TYR B 173 4.90 29.98 0.50
C TYR B 173 5.39 28.88 1.43
N ASP B 174 4.85 28.81 2.65
CA ASP B 174 5.26 27.77 3.58
C ASP B 174 4.31 26.56 3.55
N ILE B 175 3.31 26.61 2.68
CA ILE B 175 2.33 25.54 2.58
C ILE B 175 3.00 24.25 2.10
N ARG B 176 2.52 23.13 2.62
CA ARG B 176 3.04 21.81 2.22
C ARG B 176 1.92 21.00 1.58
N PHE B 177 2.27 19.99 0.80
CA PHE B 177 1.28 19.17 0.13
C PHE B 177 1.06 17.85 0.85
N ALA B 178 -0.16 17.35 0.76
CA ALA B 178 -0.48 16.05 1.34
C ALA B 178 -1.28 15.24 0.33
N ILE B 179 -0.75 14.09 -0.06
CA ILE B 179 -1.45 13.20 -0.99
C ILE B 179 -2.40 12.31 -0.20
N GLU B 180 -3.65 12.27 -0.62
CA GLU B 180 -4.67 11.47 0.02
C GLU B 180 -4.95 10.22 -0.81
N PRO B 181 -4.51 9.07 -0.36
CA PRO B 181 -4.73 7.83 -1.08
C PRO B 181 -6.17 7.33 -1.00
N LYS B 182 -6.53 6.57 -2.02
CA LYS B 182 -7.79 5.83 -2.08
C LYS B 182 -7.58 4.69 -3.07
N PRO B 183 -8.03 3.47 -2.81
CA PRO B 183 -7.70 2.38 -3.71
C PRO B 183 -8.54 2.27 -4.95
N ASN B 184 -9.78 2.70 -4.87
CA ASN B 184 -10.72 2.61 -5.98
C ASN B 184 -11.89 3.54 -5.64
N GLU B 185 -12.68 3.86 -6.65
CA GLU B 185 -13.88 4.65 -6.51
C GLU B 185 -13.77 6.14 -6.53
N PRO B 186 -13.78 6.77 -7.70
CA PRO B 186 -14.66 6.53 -8.80
C PRO B 186 -14.03 5.68 -9.90
N ARG B 187 -12.71 5.57 -9.96
CA ARG B 187 -12.10 4.71 -10.98
C ARG B 187 -12.05 3.26 -10.51
N GLY B 188 -11.99 2.32 -11.45
CA GLY B 188 -11.92 0.89 -11.10
C GLY B 188 -10.76 0.61 -10.17
N ASP B 189 -9.61 1.20 -10.45
CA ASP B 189 -8.45 1.20 -9.59
C ASP B 189 -7.85 2.61 -9.67
N ILE B 190 -7.49 3.19 -8.54
CA ILE B 190 -6.88 4.51 -8.49
C ILE B 190 -5.37 4.37 -8.26
N LEU B 191 -4.60 5.25 -8.91
CA LEU B 191 -3.15 5.26 -8.74
C LEU B 191 -2.78 5.74 -7.34
N LEU B 192 -1.65 5.26 -6.81
CA LEU B 192 -1.23 5.54 -5.43
C LEU B 192 -2.37 5.15 -4.49
N PRO B 193 -2.73 3.86 -4.49
CA PRO B 193 -3.93 3.39 -3.82
C PRO B 193 -3.92 3.35 -2.32
N THR B 194 -2.79 3.38 -1.66
CA THR B 194 -2.73 3.27 -0.21
C THR B 194 -1.67 4.24 0.33
N VAL B 195 -1.64 4.39 1.65
CA VAL B 195 -0.64 5.22 2.30
C VAL B 195 0.76 4.82 1.82
N GLY B 196 1.02 3.50 1.75
CA GLY B 196 2.34 3.05 1.35
C GLY B 196 2.70 3.60 -0.02
N HIS B 197 1.84 3.36 -1.01
CA HIS B 197 2.16 3.78 -2.38
C HIS B 197 2.39 5.28 -2.47
N ALA B 198 1.64 6.08 -1.73
CA ALA B 198 1.85 7.52 -1.74
C ALA B 198 3.17 7.87 -1.08
N LEU B 199 3.51 7.25 0.05
CA LEU B 199 4.78 7.51 0.72
C LEU B 199 5.96 7.17 -0.18
N ALA B 200 5.86 6.06 -0.90
CA ALA B 200 6.94 5.66 -1.80
C ALA B 200 7.11 6.66 -2.94
N PHE B 201 5.98 7.06 -3.53
CA PHE B 201 5.98 8.02 -4.65
C PHE B 201 6.61 9.33 -4.24
N ILE B 202 6.33 9.81 -3.04
CA ILE B 202 6.90 11.07 -2.56
C ILE B 202 8.41 11.04 -2.58
N GLU B 203 9.03 9.88 -2.32
CA GLU B 203 10.48 9.81 -2.32
C GLU B 203 11.09 9.96 -3.69
N ARG B 204 10.32 9.97 -4.78
CA ARG B 204 10.84 10.19 -6.12
C ARG B 204 10.65 11.64 -6.56
N LEU B 205 10.00 12.46 -5.75
CA LEU B 205 9.80 13.87 -6.12
C LEU B 205 11.10 14.66 -5.94
N GLU B 206 11.19 15.80 -6.63
CA GLU B 206 12.41 16.59 -6.56
C GLU B 206 12.66 17.20 -5.19
N ARG B 207 11.60 17.57 -4.48
CA ARG B 207 11.71 18.17 -3.15
C ARG B 207 10.82 17.36 -2.20
N PRO B 208 11.21 16.15 -1.82
CA PRO B 208 10.37 15.28 -1.03
C PRO B 208 9.90 15.86 0.29
N GLU B 209 10.67 16.75 0.91
CA GLU B 209 10.31 17.36 2.18
C GLU B 209 9.03 18.16 2.13
N LEU B 210 8.59 18.61 0.96
CA LEU B 210 7.37 19.39 0.84
C LEU B 210 6.10 18.58 0.79
N TYR B 211 6.21 17.24 0.74
CA TYR B 211 5.04 16.39 0.55
C TYR B 211 4.93 15.29 1.60
N GLY B 212 3.68 15.12 2.04
CA GLY B 212 3.34 14.10 3.02
C GLY B 212 2.03 13.46 2.58
N VAL B 213 1.39 12.76 3.51
CA VAL B 213 0.12 12.10 3.20
C VAL B 213 -0.99 12.69 4.07
N ASN B 214 -2.20 12.54 3.55
CA ASN B 214 -3.45 12.84 4.22
C ASN B 214 -4.29 11.55 4.17
N PRO B 215 -3.96 10.57 5.01
CA PRO B 215 -4.67 9.30 4.98
C PRO B 215 -6.10 9.43 5.47
N GLU B 216 -7.02 8.65 4.89
CA GLU B 216 -8.41 8.69 5.31
C GLU B 216 -8.81 7.32 5.86
N VAL B 217 -9.39 7.29 7.05
CA VAL B 217 -9.77 6.04 7.68
C VAL B 217 -10.42 5.07 6.72
N GLY B 218 -11.51 5.50 6.09
CA GLY B 218 -12.28 4.61 5.22
C GLY B 218 -11.51 4.16 4.00
N HIS B 219 -10.59 4.96 3.48
CA HIS B 219 -9.89 4.59 2.26
C HIS B 219 -8.96 3.43 2.46
N GLU B 220 -8.18 3.45 3.54
CA GLU B 220 -7.30 2.30 3.79
C GLU B 220 -8.15 1.08 4.09
N GLN B 221 -9.28 1.26 4.75
CA GLN B 221 -10.19 0.16 5.08
C GLN B 221 -10.89 -0.40 3.85
N MET B 222 -10.98 0.34 2.76
CA MET B 222 -11.51 -0.16 1.48
C MET B 222 -10.54 -1.15 0.85
N ALA B 223 -9.30 -1.23 1.31
CA ALA B 223 -8.35 -2.23 0.86
C ALA B 223 -8.19 -3.28 1.96
N GLY B 224 -9.01 -3.22 3.00
CA GLY B 224 -8.95 -4.16 4.12
C GLY B 224 -7.70 -3.96 4.97
N LEU B 225 -7.06 -2.80 4.92
CA LEU B 225 -5.84 -2.57 5.67
C LEU B 225 -6.14 -2.03 7.06
N ASN B 226 -5.13 -2.12 7.91
CA ASN B 226 -5.22 -1.63 9.29
C ASN B 226 -4.85 -0.15 9.27
N PHE B 227 -5.84 0.70 9.54
CA PHE B 227 -5.60 2.15 9.49
C PHE B 227 -4.62 2.60 10.54
N PRO B 228 -4.72 2.23 11.80
CA PRO B 228 -3.70 2.61 12.79
C PRO B 228 -2.31 2.18 12.36
N HIS B 229 -2.12 1.00 11.75
CA HIS B 229 -0.79 0.60 11.30
C HIS B 229 -0.26 1.52 10.21
N GLY B 230 -1.11 1.88 9.27
CA GLY B 230 -0.71 2.77 8.18
C GLY B 230 -0.36 4.15 8.71
N ILE B 231 -1.12 4.63 9.70
CA ILE B 231 -0.82 5.91 10.33
C ILE B 231 0.50 5.82 11.08
N ALA B 232 0.78 4.69 11.72
CA ALA B 232 2.06 4.52 12.39
C ALA B 232 3.19 4.60 11.38
N GLN B 233 3.05 3.98 10.20
CA GLN B 233 4.13 4.08 9.20
C GLN B 233 4.27 5.51 8.73
N ALA B 234 3.18 6.24 8.52
CA ALA B 234 3.28 7.64 8.11
C ALA B 234 3.96 8.49 9.19
N LEU B 235 3.63 8.27 10.46
CA LEU B 235 4.31 9.00 11.54
C LEU B 235 5.77 8.64 11.60
N TRP B 236 6.09 7.35 11.45
CA TRP B 236 7.46 6.87 11.46
C TRP B 236 8.27 7.54 10.36
N ALA B 237 7.68 7.80 9.21
CA ALA B 237 8.34 8.44 8.09
C ALA B 237 8.38 9.96 8.23
N GLY B 238 7.70 10.53 9.22
CA GLY B 238 7.64 11.98 9.39
C GLY B 238 6.72 12.64 8.37
N LYS B 239 5.72 11.91 7.89
CA LYS B 239 4.87 12.35 6.80
C LYS B 239 3.40 12.48 7.12
N LEU B 240 3.00 12.42 8.39
CA LEU B 240 1.57 12.60 8.68
C LEU B 240 1.26 14.08 8.80
N PHE B 241 1.03 14.71 7.64
CA PHE B 241 0.81 16.14 7.59
C PHE B 241 -0.59 16.55 7.95
N HIS B 242 -1.53 15.64 7.74
CA HIS B 242 -2.95 15.90 7.95
C HIS B 242 -3.61 14.52 8.01
N ILE B 243 -4.87 14.48 8.43
CA ILE B 243 -5.57 13.20 8.48
C ILE B 243 -7.06 13.42 8.26
N ASP B 244 -7.70 12.47 7.61
CA ASP B 244 -9.13 12.51 7.35
C ASP B 244 -9.78 11.39 8.18
N LEU B 245 -10.69 11.80 9.04
CA LEU B 245 -11.37 10.92 9.97
C LEU B 245 -12.81 10.66 9.58
N ASN B 246 -13.22 9.40 9.62
CA ASN B 246 -14.58 9.00 9.30
C ASN B 246 -14.73 7.53 9.68
N GLY B 247 -15.84 6.95 9.24
CA GLY B 247 -16.11 5.54 9.51
C GLY B 247 -16.41 4.80 8.21
N GLN B 248 -16.10 3.50 8.23
CA GLN B 248 -16.28 2.63 7.08
C GLN B 248 -16.54 1.23 7.61
N ASN B 249 -17.54 0.57 7.02
CA ASN B 249 -17.84 -0.81 7.41
C ASN B 249 -17.28 -1.79 6.40
N GLY B 250 -15.99 -2.04 6.46
CA GLY B 250 -15.32 -3.00 5.63
C GLY B 250 -14.98 -2.62 4.21
N ILE B 251 -14.98 -3.66 3.37
CA ILE B 251 -14.62 -3.58 1.95
C ILE B 251 -15.85 -3.40 1.10
N LYS B 252 -16.09 -2.17 0.66
CA LYS B 252 -17.25 -1.78 -0.12
C LYS B 252 -17.07 -0.33 -0.57
N TYR B 253 -18.11 0.24 -1.17
CA TYR B 253 -18.08 1.64 -1.59
C TYR B 253 -17.65 2.51 -0.42
N ASP B 254 -17.12 3.68 -0.72
CA ASP B 254 -16.64 4.63 0.26
C ASP B 254 -17.82 5.24 1.02
N GLN B 255 -18.00 4.81 2.26
CA GLN B 255 -19.16 5.25 3.02
C GLN B 255 -19.07 6.65 3.60
N ASP B 256 -17.90 7.02 4.08
CA ASP B 256 -17.69 8.32 4.73
C ASP B 256 -18.69 8.49 5.89
N LEU B 257 -18.85 7.48 6.73
CA LEU B 257 -19.74 7.60 7.89
C LEU B 257 -19.10 8.54 8.91
N ARG B 258 -19.89 9.03 9.86
CA ARG B 258 -19.27 9.87 10.89
C ARG B 258 -18.20 9.09 11.65
N PHE B 259 -17.18 9.79 12.13
CA PHE B 259 -16.09 9.17 12.87
C PHE B 259 -16.64 8.50 14.13
N GLY B 260 -16.13 7.29 14.35
CA GLY B 260 -16.54 6.48 15.50
C GLY B 260 -17.38 5.32 14.97
N ALA B 261 -18.17 5.62 13.95
CA ALA B 261 -18.99 4.60 13.29
C ALA B 261 -18.04 3.72 12.45
N GLY B 262 -18.56 2.61 12.00
CA GLY B 262 -17.75 1.65 11.24
C GLY B 262 -16.95 0.86 12.27
N ASP B 263 -15.64 0.78 12.03
CA ASP B 263 -14.74 0.02 12.86
C ASP B 263 -14.33 0.79 14.11
N LEU B 264 -15.15 0.64 15.14
CA LEU B 264 -14.95 1.33 16.42
C LEU B 264 -13.65 0.98 17.10
N ARG B 265 -13.26 -0.30 17.15
CA ARG B 265 -11.99 -0.63 17.78
C ARG B 265 -10.82 0.01 17.05
N ALA B 266 -10.86 0.05 15.70
CA ALA B 266 -9.80 0.71 14.96
C ALA B 266 -9.78 2.20 15.28
N ALA B 267 -10.94 2.81 15.49
CA ALA B 267 -11.01 4.23 15.85
C ALA B 267 -10.34 4.44 17.20
N PHE B 268 -10.56 3.55 18.17
CA PHE B 268 -9.88 3.61 19.46
C PHE B 268 -8.37 3.53 19.29
N TRP B 269 -7.89 2.53 18.54
CA TRP B 269 -6.42 2.42 18.40
C TRP B 269 -5.85 3.59 17.63
N LEU B 270 -6.61 4.15 16.69
CA LEU B 270 -6.15 5.33 15.98
C LEU B 270 -5.98 6.51 16.93
N VAL B 271 -7.00 6.78 17.74
CA VAL B 271 -6.90 7.92 18.67
C VAL B 271 -5.78 7.68 19.67
N ASP B 272 -5.65 6.46 20.18
CA ASP B 272 -4.53 6.13 21.07
C ASP B 272 -3.21 6.51 20.42
N LEU B 273 -3.00 6.13 19.17
CA LEU B 273 -1.76 6.42 18.47
C LEU B 273 -1.56 7.90 18.23
N LEU B 274 -2.58 8.59 17.73
CA LEU B 274 -2.41 10.02 17.46
C LEU B 274 -2.03 10.78 18.72
N GLU B 275 -2.69 10.47 19.84
CA GLU B 275 -2.41 11.18 21.09
C GLU B 275 -1.09 10.75 21.68
N SER B 276 -0.76 9.47 21.65
CA SER B 276 0.53 9.02 22.17
C SER B 276 1.68 9.56 21.36
N ALA B 277 1.54 9.73 20.04
CA ALA B 277 2.59 10.26 19.19
C ALA B 277 2.68 11.78 19.25
N GLY B 278 1.68 12.45 19.79
CA GLY B 278 1.68 13.90 19.86
C GLY B 278 1.35 14.53 18.51
N TYR B 279 0.56 13.87 17.66
CA TYR B 279 0.15 14.45 16.39
C TYR B 279 -0.50 15.79 16.71
N SER B 280 -0.05 16.85 16.06
CA SER B 280 -0.52 18.19 16.37
C SER B 280 -1.35 18.82 15.27
N GLY B 281 -1.56 18.10 14.18
CA GLY B 281 -2.32 18.67 13.07
C GLY B 281 -3.83 18.61 13.32
N PRO B 282 -4.56 19.07 12.31
CA PRO B 282 -6.02 19.04 12.40
C PRO B 282 -6.57 17.63 12.52
N ARG B 283 -7.65 17.55 13.27
CA ARG B 283 -8.46 16.33 13.36
C ARG B 283 -9.63 16.62 12.42
N HIS B 284 -9.40 16.32 11.15
CA HIS B 284 -10.34 16.66 10.08
C HIS B 284 -11.32 15.56 9.74
N PHE B 285 -12.60 15.90 9.71
CA PHE B 285 -13.62 14.94 9.36
C PHE B 285 -14.02 15.07 7.89
N ASP B 286 -13.85 13.98 7.16
CA ASP B 286 -14.30 13.90 5.78
C ASP B 286 -15.43 12.87 5.83
N PHE B 287 -16.63 13.35 6.15
CA PHE B 287 -17.76 12.45 6.32
C PHE B 287 -18.97 12.97 5.57
N LYS B 288 -19.95 12.10 5.38
CA LYS B 288 -21.22 12.44 4.76
C LYS B 288 -22.37 12.07 5.69
N PRO B 289 -23.08 13.07 6.19
CA PRO B 289 -24.29 12.75 6.95
C PRO B 289 -25.16 11.95 6.00
N PRO B 290 -25.57 10.75 6.38
CA PRO B 290 -26.36 9.92 5.47
C PRO B 290 -27.49 10.71 4.85
N ARG B 291 -27.85 10.38 3.61
CA ARG B 291 -28.91 11.10 2.92
C ARG B 291 -30.29 10.85 3.50
N THR B 292 -30.45 9.95 4.46
CA THR B 292 -31.67 9.76 5.20
C THR B 292 -31.95 10.96 6.11
N GLU B 293 -30.94 11.76 6.43
CA GLU B 293 -31.05 12.84 7.39
C GLU B 293 -31.46 14.18 6.81
N ASP B 294 -32.15 14.93 7.66
CA ASP B 294 -32.46 16.34 7.33
C ASP B 294 -31.33 17.18 7.92
N PHE B 295 -31.47 18.51 7.89
CA PHE B 295 -30.43 19.37 8.43
C PHE B 295 -30.17 19.19 9.91
N ASP B 296 -31.16 18.87 10.74
CA ASP B 296 -30.92 18.60 12.15
C ASP B 296 -29.97 17.40 12.27
N GLY B 297 -30.21 16.39 11.43
CA GLY B 297 -29.37 15.18 11.45
C GLY B 297 -27.96 15.49 10.96
N VAL B 298 -27.81 16.43 10.02
CA VAL B 298 -26.48 16.84 9.57
C VAL B 298 -25.65 17.35 10.75
N TRP B 299 -26.20 18.29 11.52
CA TRP B 299 -25.48 18.84 12.67
C TRP B 299 -25.30 17.82 13.77
N ALA B 300 -26.24 16.93 14.01
CA ALA B 300 -26.07 15.89 15.01
C ALA B 300 -24.94 14.95 14.61
N SER B 301 -24.86 14.62 13.33
CA SER B 301 -23.79 13.75 12.83
C SER B 301 -22.42 14.42 12.95
N ALA B 302 -22.33 15.70 12.61
CA ALA B 302 -21.09 16.45 12.75
C ALA B 302 -20.67 16.50 14.22
N ALA B 303 -21.63 16.78 15.10
CA ALA B 303 -21.31 16.79 16.54
C ALA B 303 -20.85 15.43 16.99
N GLY B 304 -21.45 14.37 16.46
CA GLY B 304 -21.07 13.01 16.84
C GLY B 304 -19.63 12.67 16.44
N CYS B 305 -19.16 13.19 15.31
CA CYS B 305 -17.76 13.01 14.92
C CYS B 305 -16.83 13.43 16.04
N MET B 306 -17.03 14.67 16.53
CA MET B 306 -16.16 15.24 17.56
C MET B 306 -16.35 14.56 18.90
N ARG B 307 -17.59 14.24 19.25
CA ARG B 307 -17.90 13.54 20.49
C ARG B 307 -17.21 12.20 20.56
N ASN B 308 -17.27 11.41 19.50
CA ASN B 308 -16.62 10.10 19.47
C ASN B 308 -15.11 10.24 19.59
N TYR B 309 -14.49 11.23 18.94
CA TYR B 309 -13.04 11.39 19.11
C TYR B 309 -12.73 11.65 20.58
N LEU B 310 -13.47 12.57 21.21
CA LEU B 310 -13.23 12.88 22.62
C LEU B 310 -13.51 11.74 23.58
N ILE B 311 -14.52 10.90 23.33
CA ILE B 311 -14.72 9.74 24.21
C ILE B 311 -13.52 8.80 24.07
N LEU B 312 -13.15 8.52 22.81
CA LEU B 312 -12.01 7.61 22.58
C LEU B 312 -10.74 8.18 23.16
N LYS B 313 -10.49 9.48 23.06
CA LYS B 313 -9.31 10.10 23.66
C LYS B 313 -9.29 9.86 25.15
N GLU B 314 -10.43 10.03 25.83
CA GLU B 314 -10.49 9.78 27.26
C GLU B 314 -10.18 8.33 27.59
N ARG B 315 -10.77 7.39 26.83
CA ARG B 315 -10.55 5.97 27.14
C ARG B 315 -9.14 5.54 26.82
N ALA B 316 -8.54 6.05 25.76
CA ALA B 316 -7.15 5.67 25.45
C ALA B 316 -6.23 6.22 26.52
N ALA B 317 -6.47 7.45 26.99
CA ALA B 317 -5.63 8.04 28.03
C ALA B 317 -5.78 7.24 29.33
N ALA B 318 -6.98 6.82 29.69
CA ALA B 318 -7.19 6.02 30.89
C ALA B 318 -6.49 4.67 30.74
N PHE B 319 -6.56 4.06 29.57
CA PHE B 319 -5.88 2.80 29.29
C PHE B 319 -4.40 2.95 29.51
N ARG B 320 -3.76 3.96 28.91
CA ARG B 320 -2.32 4.14 29.05
C ARG B 320 -1.90 4.52 30.45
N ALA B 321 -2.74 5.21 31.21
CA ALA B 321 -2.39 5.62 32.56
C ALA B 321 -2.60 4.53 33.60
N ASP B 322 -3.42 3.53 33.31
CA ASP B 322 -3.72 2.48 34.28
C ASP B 322 -2.48 1.67 34.62
N PRO B 323 -2.11 1.58 35.90
CA PRO B 323 -0.98 0.77 36.31
C PRO B 323 -1.16 -0.68 35.91
N GLU B 324 -2.37 -1.23 35.87
CA GLU B 324 -2.57 -2.61 35.46
C GLU B 324 -2.27 -2.77 33.97
N VAL B 325 -2.55 -1.75 33.16
CA VAL B 325 -2.21 -1.79 31.75
C VAL B 325 -0.70 -1.66 31.57
N GLN B 326 -0.04 -0.78 32.33
CA GLN B 326 1.41 -0.67 32.26
C GLN B 326 2.06 -2.00 32.61
N GLU B 327 1.52 -2.71 33.61
CA GLU B 327 2.01 -4.04 33.95
C GLU B 327 1.80 -5.02 32.81
N ALA B 328 0.62 -5.01 32.18
CA ALA B 328 0.34 -5.90 31.07
C ALA B 328 1.24 -5.62 29.87
N LEU B 329 1.56 -4.35 29.62
CA LEU B 329 2.49 -4.01 28.53
C LEU B 329 3.86 -4.59 28.81
N ARG B 330 4.30 -4.55 30.07
CA ARG B 330 5.56 -5.18 30.46
C ARG B 330 5.46 -6.69 30.29
N ALA B 331 4.34 -7.28 30.69
CA ALA B 331 4.17 -8.73 30.56
C ALA B 331 4.22 -9.15 29.09
N SER B 332 3.79 -8.29 28.18
CA SER B 332 3.80 -8.58 26.75
C SER B 332 5.07 -8.11 26.05
N ARG B 333 6.02 -7.58 26.81
CA ARG B 333 7.31 -7.14 26.31
C ARG B 333 7.23 -6.01 25.30
N LEU B 334 6.27 -5.10 25.48
CA LEU B 334 6.23 -3.93 24.59
C LEU B 334 7.47 -3.08 24.85
N ASP B 335 7.97 -3.05 26.08
CA ASP B 335 9.19 -2.32 26.39
C ASP B 335 10.39 -2.90 25.65
N GLU B 336 10.53 -4.22 25.55
CA GLU B 336 11.66 -4.79 24.83
C GLU B 336 11.60 -4.44 23.36
N LEU B 337 10.41 -4.27 22.78
CA LEU B 337 10.28 -3.88 21.39
C LEU B 337 10.93 -2.54 21.09
N ALA B 338 10.96 -1.63 22.05
CA ALA B 338 11.57 -0.32 21.93
C ALA B 338 13.09 -0.30 22.04
N ARG B 339 13.68 -1.39 22.51
CA ARG B 339 15.14 -1.47 22.61
C ARG B 339 15.76 -1.92 21.30
N PRO B 340 16.88 -1.33 20.91
CA PRO B 340 17.57 -1.81 19.71
C PRO B 340 17.84 -3.31 19.84
N THR B 341 17.73 -4.01 18.72
CA THR B 341 18.03 -5.44 18.66
C THR B 341 19.51 -5.71 18.90
N ALA B 342 20.36 -4.89 18.29
CA ALA B 342 21.79 -5.11 18.35
C ALA B 342 22.57 -3.80 18.25
N ALA B 343 22.45 -2.98 19.29
CA ALA B 343 23.23 -1.75 19.39
C ALA B 343 24.70 -2.07 19.68
N ASP B 344 25.01 -3.29 20.07
CA ASP B 344 26.37 -3.78 20.22
C ASP B 344 27.05 -3.92 18.87
N GLY B 345 26.29 -3.95 17.78
CA GLY B 345 26.82 -3.98 16.44
C GLY B 345 26.86 -5.35 15.81
N LEU B 346 27.06 -5.34 14.49
CA LEU B 346 27.08 -6.56 13.71
C LEU B 346 28.11 -7.59 14.18
N GLN B 347 29.35 -7.14 14.40
CA GLN B 347 30.36 -8.11 14.82
C GLN B 347 30.03 -8.75 16.16
N ALA B 348 29.56 -7.94 17.11
CA ALA B 348 29.17 -8.51 18.40
C ALA B 348 28.02 -9.49 18.25
N LEU B 349 27.05 -9.18 17.39
CA LEU B 349 25.93 -10.09 17.17
C LEU B 349 26.40 -11.41 16.57
N LEU B 350 27.30 -11.34 15.57
CA LEU B 350 27.85 -12.55 14.97
C LEU B 350 28.65 -13.39 15.97
N ASP B 351 29.29 -12.74 16.94
CA ASP B 351 30.09 -13.47 17.93
C ASP B 351 29.30 -13.90 19.15
N ASP B 352 28.04 -13.53 19.23
CA ASP B 352 27.21 -13.83 20.39
C ASP B 352 26.58 -15.20 20.29
N ARG B 353 27.13 -16.16 21.04
CA ARG B 353 26.60 -17.52 21.04
C ARG B 353 25.21 -17.60 21.63
N SER B 354 24.83 -16.64 22.47
CA SER B 354 23.48 -16.60 23.03
C SER B 354 22.44 -16.26 21.97
N ALA B 355 22.85 -15.73 20.82
CA ALA B 355 21.93 -15.41 19.74
C ALA B 355 21.80 -16.54 18.73
N PHE B 356 22.54 -17.64 18.91
CA PHE B 356 22.43 -18.73 17.96
C PHE B 356 22.74 -20.09 18.56
N GLU B 357 24.00 -20.47 18.69
CA GLU B 357 24.34 -21.80 19.17
C GLU B 357 23.77 -22.13 20.54
N GLU B 358 23.80 -21.17 21.45
CA GLU B 358 23.31 -21.37 22.80
C GLU B 358 21.95 -20.75 23.05
N PHE B 359 21.23 -20.39 21.98
CA PHE B 359 19.90 -19.83 22.18
C PHE B 359 18.92 -20.97 22.45
N ASP B 360 18.23 -20.89 23.58
CA ASP B 360 17.24 -21.90 23.93
C ASP B 360 15.92 -21.53 23.26
N VAL B 361 15.79 -21.99 22.03
CA VAL B 361 14.63 -21.70 21.19
C VAL B 361 13.35 -22.24 21.77
N ASP B 362 13.38 -23.40 22.43
CA ASP B 362 12.17 -23.97 23.02
C ASP B 362 11.73 -23.20 24.25
N ALA B 363 12.67 -22.73 25.07
CA ALA B 363 12.29 -21.93 26.22
C ALA B 363 11.70 -20.61 25.75
N ALA B 364 12.29 -20.00 24.72
CA ALA B 364 11.73 -18.74 24.21
C ALA B 364 10.35 -18.97 23.62
N ALA B 365 10.18 -20.03 22.84
CA ALA B 365 8.89 -20.35 22.23
C ALA B 365 7.79 -20.62 23.25
N ALA B 366 8.14 -21.18 24.42
CA ALA B 366 7.16 -21.47 25.45
C ALA B 366 6.62 -20.24 26.14
N ARG B 367 7.27 -19.08 26.05
CA ARG B 367 6.80 -17.88 26.70
C ARG B 367 5.55 -17.31 26.04
N GLY B 368 4.45 -17.25 26.76
CA GLY B 368 3.22 -16.65 26.22
C GLY B 368 3.44 -15.16 26.03
N MET B 369 2.82 -14.59 25.01
CA MET B 369 2.93 -13.15 24.81
C MET B 369 2.00 -12.35 25.69
N ALA B 370 0.97 -12.97 26.27
CA ALA B 370 0.01 -12.32 27.13
C ALA B 370 -0.76 -11.21 26.41
N PHE B 371 -0.93 -11.36 25.11
CA PHE B 371 -1.64 -10.34 24.33
C PHE B 371 -3.13 -10.33 24.58
N GLU B 372 -3.72 -11.47 24.94
CA GLU B 372 -5.18 -11.49 25.15
C GLU B 372 -5.56 -10.75 26.41
N ARG B 373 -4.82 -10.91 27.50
CA ARG B 373 -5.10 -10.15 28.73
C ARG B 373 -4.96 -8.66 28.43
N LEU B 374 -3.88 -8.28 27.74
CA LEU B 374 -3.66 -6.89 27.40
C LEU B 374 -4.83 -6.33 26.58
N ASP B 375 -5.27 -7.09 25.58
CA ASP B 375 -6.37 -6.61 24.74
C ASP B 375 -7.69 -6.56 25.49
N GLN B 376 -7.88 -7.45 26.46
CA GLN B 376 -9.12 -7.38 27.22
C GLN B 376 -9.11 -6.19 28.17
N LEU B 377 -7.94 -5.80 28.66
CA LEU B 377 -7.88 -4.57 29.45
C LEU B 377 -8.21 -3.37 28.57
N ALA B 378 -7.75 -3.41 27.32
CA ALA B 378 -8.06 -2.35 26.36
C ALA B 378 -9.57 -2.30 26.08
N MET B 379 -10.18 -3.46 25.91
CA MET B 379 -11.62 -3.55 25.68
C MET B 379 -12.38 -3.00 26.89
N ASP B 380 -11.96 -3.40 28.09
CA ASP B 380 -12.61 -2.92 29.31
C ASP B 380 -12.51 -1.40 29.38
N HIS B 381 -11.35 -0.82 29.06
CA HIS B 381 -11.21 0.63 29.09
C HIS B 381 -12.09 1.30 28.05
N LEU B 382 -12.11 0.78 26.82
CA LEU B 382 -12.94 1.39 25.78
C LEU B 382 -14.40 1.39 26.18
N LEU B 383 -14.87 0.31 26.78
CA LEU B 383 -16.28 0.21 27.16
C LEU B 383 -16.58 0.77 28.54
N GLY B 384 -15.59 1.29 29.25
CA GLY B 384 -15.82 1.84 30.58
C GLY B 384 -16.29 0.73 31.51
N ALA B 385 -15.69 -0.44 31.42
CA ALA B 385 -16.08 -1.60 32.21
C ALA B 385 -14.98 -2.10 33.12
N ARG B 386 -14.10 -1.20 33.54
CA ARG B 386 -13.01 -1.58 34.43
C ARG B 386 -13.50 -1.81 35.86
#